data_2EIT
#
_entry.id   2EIT
#
_cell.length_a   101.586
_cell.length_b   101.586
_cell.length_c   278.785
_cell.angle_alpha   90.00
_cell.angle_beta   90.00
_cell.angle_gamma   120.00
#
_symmetry.space_group_name_H-M   'H 3'
#
loop_
_entity.id
_entity.type
_entity.pdbx_description
1 polymer '1-pyrroline-5-carboxylate dehydrogenase'
2 non-polymer 'ACETATE ION'
3 non-polymer 'SODIUM ION'
4 non-polymer ALANINE
5 non-polymer NICOTINAMIDE-ADENINE-DINUCLEOTIDE
6 non-polymer (4S)-2-METHYL-2,4-PENTANEDIOL
7 water water
#
_entity_poly.entity_id   1
_entity_poly.type   'polypeptide(L)'
_entity_poly.pdbx_seq_one_letter_code
;MTVEPFRNEPIETFQTEEARRAMREALRRVREEFGRHYPLYIGGEWVDTKERMVSLNPSAPSEVVGTTAKAGKAEAEAAL
EAAWKAFKTWKDWPQEDRSRLLLKAAALMRRRKRELEATLVYEVGKNWVEASADVAEAIDFIEYYARAALRYRYPAVEVV
PYPGEDNESFYVPLGAGVVIAPWNFPVAIFTGMIVGPVAVGNTVIAKPAEDAVVVGAKVFEIFHEAGFPPGVVNFLPGVG
EEVGAYLVEHPRIRFINFTGSLEVGLKIYEAAGRLAPGQTWFKRAYVETGGKDAIIVDETADFDLAAEGVVVSAYGFQGQ
KCSAASRLILTQGAYEPVLERVLKRAERLSVGPAEENPDLGPVVSAEQERKVLSYIEIGKNEGQLVLGGKRLEGEGYFIA
PTVFTEVPPKARIAQEEIFGPVLSVIRVKDFAEALEVANDTPYGLTGGVYSRKREHLEWARREFHVGNLYFNRKITGALV
GVQPFGGFKLSGTNAKTGALDYLRLFLEMKAVAERF
;
_entity_poly.pdbx_strand_id   A,B
#
# COMPACT_ATOMS: atom_id res chain seq x y z
N MET A 1 -5.84 14.53 24.37
CA MET A 1 -4.59 14.51 25.18
C MET A 1 -3.54 15.54 24.69
N THR A 2 -2.87 16.23 25.63
CA THR A 2 -1.93 17.28 25.24
C THR A 2 -0.57 17.06 25.89
N VAL A 3 0.43 16.88 25.03
CA VAL A 3 1.81 16.67 25.48
C VAL A 3 2.70 17.70 24.81
N GLU A 4 3.95 17.82 25.23
CA GLU A 4 4.89 18.73 24.57
C GLU A 4 5.06 18.34 23.09
N PRO A 5 5.30 19.33 22.21
CA PRO A 5 5.68 19.01 20.83
C PRO A 5 6.82 17.99 20.80
N PHE A 6 6.76 17.09 19.83
CA PHE A 6 7.81 16.09 19.67
C PHE A 6 9.19 16.75 19.55
N ARG A 7 10.17 16.19 20.25
CA ARG A 7 11.58 16.46 20.03
C ARG A 7 12.32 15.13 20.05
N ASN A 8 13.43 15.05 19.31
CA ASN A 8 14.23 13.82 19.30
C ASN A 8 14.96 13.65 20.61
N GLU A 9 15.04 12.41 21.08
CA GLU A 9 15.82 12.06 22.27
C GLU A 9 17.30 12.33 22.00
N PRO A 10 17.95 13.16 22.85
CA PRO A 10 19.37 13.43 22.56
C PRO A 10 20.20 12.14 22.59
N ILE A 11 21.16 12.06 21.69
CA ILE A 11 22.08 10.91 21.62
C ILE A 11 23.27 11.21 22.53
N GLU A 12 23.56 10.28 23.43
CA GLU A 12 24.63 10.49 24.42
C GLU A 12 25.96 10.30 23.74
N THR A 13 26.91 11.20 24.02
CA THR A 13 28.25 11.07 23.48
C THR A 13 29.31 10.69 24.53
N PHE A 14 28.90 10.66 25.80
CA PHE A 14 29.76 10.18 26.89
C PHE A 14 31.03 11.02 27.04
N GLN A 15 30.86 12.33 26.92
CA GLN A 15 31.97 13.27 27.08
C GLN A 15 32.07 13.84 28.50
N THR A 16 30.99 13.73 29.27
CA THR A 16 30.99 14.17 30.68
C THR A 16 31.27 13.00 31.62
N GLU A 17 31.81 13.31 32.80
CA GLU A 17 32.14 12.24 33.75
C GLU A 17 30.89 11.52 34.21
N GLU A 18 29.82 12.27 34.37
CA GLU A 18 28.54 11.70 34.83
C GLU A 18 28.05 10.62 33.86
N ALA A 19 28.14 10.92 32.56
CA ALA A 19 27.68 9.98 31.52
C ALA A 19 28.57 8.74 31.45
N ARG A 20 29.88 8.95 31.54
CA ARG A 20 30.82 7.81 31.59
C ARG A 20 30.57 6.93 32.80
N ARG A 21 30.38 7.55 33.96
CA ARG A 21 30.08 6.79 35.19
C ARG A 21 28.82 5.95 35.05
N ALA A 22 27.74 6.56 34.55
CA ALA A 22 26.48 5.85 34.36
C ALA A 22 26.63 4.68 33.39
N MET A 23 27.38 4.90 32.31
CA MET A 23 27.58 3.87 31.27
C MET A 23 28.46 2.72 31.79
N ARG A 24 29.55 3.07 32.49
CA ARG A 24 30.36 2.02 33.12
C ARG A 24 29.54 1.15 34.08
N GLU A 25 28.71 1.78 34.90
CA GLU A 25 27.85 1.01 35.81
C GLU A 25 26.85 0.13 35.05
N ALA A 26 26.24 0.67 33.99
CA ALA A 26 25.30 -0.11 33.20
C ALA A 26 25.98 -1.30 32.49
N LEU A 27 27.17 -1.07 31.95
CA LEU A 27 27.93 -2.16 31.33
C LEU A 27 28.29 -3.24 32.36
N ARG A 28 28.70 -2.80 33.54
CA ARG A 28 29.06 -3.73 34.60
C ARG A 28 27.86 -4.60 34.99
N ARG A 29 26.71 -3.97 35.16
CA ARG A 29 25.51 -4.70 35.56
C ARG A 29 25.06 -5.67 34.47
N VAL A 30 25.09 -5.23 33.22
CA VAL A 30 24.69 -6.13 32.13
C VAL A 30 25.64 -7.33 32.04
N ARG A 31 26.94 -7.06 32.11
CA ARG A 31 27.96 -8.11 32.09
C ARG A 31 27.76 -9.09 33.24
N GLU A 32 27.40 -8.58 34.41
CA GLU A 32 27.19 -9.41 35.62
C GLU A 32 25.96 -10.30 35.50
N GLU A 33 25.12 -9.99 34.51
CA GLU A 33 23.85 -10.64 34.24
C GLU A 33 23.94 -11.63 33.07
N PHE A 34 25.13 -11.75 32.47
CA PHE A 34 25.34 -12.72 31.38
C PHE A 34 24.83 -14.10 31.79
N GLY A 35 24.12 -14.76 30.87
CA GLY A 35 23.65 -16.12 31.09
C GLY A 35 22.20 -16.19 31.49
N ARG A 36 21.59 -15.02 31.68
CA ARG A 36 20.18 -14.95 32.01
C ARG A 36 19.31 -15.55 30.90
N HIS A 37 18.20 -16.15 31.29
CA HIS A 37 17.29 -16.78 30.33
C HIS A 37 15.99 -16.02 30.27
N TYR A 38 15.52 -15.73 29.04
CA TYR A 38 14.29 -15.00 28.81
C TYR A 38 13.27 -15.85 28.06
N PRO A 39 12.07 -16.07 28.63
CA PRO A 39 11.04 -16.87 27.95
C PRO A 39 10.36 -16.11 26.78
N LEU A 40 9.44 -16.78 26.08
CA LEU A 40 8.54 -16.13 25.12
C LEU A 40 7.60 -15.22 25.89
N TYR A 41 6.90 -14.35 25.18
CA TYR A 41 5.86 -13.55 25.80
C TYR A 41 4.62 -13.65 24.94
N ILE A 42 3.58 -14.29 25.50
CA ILE A 42 2.39 -14.65 24.73
C ILE A 42 1.17 -14.38 25.62
N GLY A 43 0.22 -13.61 25.12
CA GLY A 43 -1.01 -13.37 25.85
C GLY A 43 -0.80 -12.84 27.25
N GLY A 44 0.16 -11.93 27.40
CA GLY A 44 0.40 -11.19 28.64
C GLY A 44 1.20 -11.98 29.66
N GLU A 45 1.73 -13.13 29.27
CA GLU A 45 2.56 -13.85 30.21
C GLU A 45 3.86 -14.35 29.58
N TRP A 46 4.87 -14.50 30.43
CA TRP A 46 6.11 -15.14 30.00
C TRP A 46 5.92 -16.66 29.96
N VAL A 47 6.25 -17.25 28.82
CA VAL A 47 5.99 -18.67 28.53
C VAL A 47 7.30 -19.32 28.09
N ASP A 48 7.75 -20.33 28.84
CA ASP A 48 9.02 -20.96 28.51
C ASP A 48 8.83 -22.16 27.57
N THR A 49 9.92 -22.59 26.95
CA THR A 49 9.93 -23.75 26.07
C THR A 49 11.08 -24.69 26.45
N LYS A 50 10.98 -25.92 25.96
CA LYS A 50 12.01 -26.94 26.13
C LYS A 50 13.29 -26.54 25.39
N GLU A 51 13.17 -26.21 24.12
CA GLU A 51 14.31 -25.77 23.32
C GLU A 51 14.65 -24.31 23.62
N ARG A 52 15.83 -23.87 23.20
CA ARG A 52 16.27 -22.51 23.50
C ARG A 52 17.08 -21.90 22.36
N MET A 53 17.24 -20.59 22.42
CA MET A 53 18.11 -19.83 21.52
C MET A 53 19.27 -19.27 22.34
N VAL A 54 20.47 -19.31 21.78
CA VAL A 54 21.67 -18.82 22.45
C VAL A 54 22.10 -17.51 21.80
N SER A 55 22.35 -16.49 22.62
CA SER A 55 22.90 -15.26 22.12
C SER A 55 24.34 -15.07 22.62
N LEU A 56 25.26 -14.99 21.67
CA LEU A 56 26.70 -14.82 21.95
C LEU A 56 27.15 -13.37 21.92
N ASN A 57 28.25 -13.09 22.63
CA ASN A 57 28.92 -11.82 22.57
C ASN A 57 29.84 -11.82 21.37
N PRO A 58 29.57 -10.99 20.33
CA PRO A 58 30.40 -11.03 19.12
C PRO A 58 31.83 -10.54 19.33
N SER A 59 32.08 -9.84 20.45
CA SER A 59 33.42 -9.37 20.82
C SER A 59 34.25 -10.48 21.50
N ALA A 60 33.54 -11.51 21.95
CA ALA A 60 34.14 -12.66 22.67
C ALA A 60 33.12 -13.79 22.64
N PRO A 61 32.99 -14.47 21.48
CA PRO A 61 31.87 -15.39 21.29
C PRO A 61 31.86 -16.66 22.13
N SER A 62 32.91 -16.89 22.95
CA SER A 62 32.84 -17.91 24.01
C SER A 62 31.85 -17.51 25.13
N GLU A 63 31.49 -16.23 25.17
CA GLU A 63 30.63 -15.68 26.23
C GLU A 63 29.18 -15.65 25.79
N VAL A 64 28.33 -16.24 26.62
CA VAL A 64 26.89 -16.27 26.35
C VAL A 64 26.25 -15.08 27.06
N VAL A 65 25.77 -14.12 26.26
CA VAL A 65 25.07 -12.96 26.80
C VAL A 65 23.79 -13.41 27.47
N GLY A 66 23.05 -14.29 26.81
CA GLY A 66 21.87 -14.85 27.40
C GLY A 66 21.29 -15.93 26.52
N THR A 67 20.20 -16.51 26.98
CA THR A 67 19.43 -17.46 26.19
C THR A 67 17.98 -17.04 26.24
N THR A 68 17.21 -17.47 25.24
CA THR A 68 15.77 -17.29 25.27
C THR A 68 15.09 -18.61 24.96
N ALA A 69 13.80 -18.67 25.25
CA ALA A 69 12.95 -19.74 24.75
C ALA A 69 12.97 -19.73 23.21
N LYS A 70 12.46 -20.80 22.62
CA LYS A 70 12.41 -20.92 21.17
C LYS A 70 10.99 -21.26 20.70
N ALA A 71 10.42 -20.37 19.90
CA ALA A 71 9.08 -20.56 19.38
C ALA A 71 9.07 -21.44 18.14
N GLY A 72 8.16 -22.40 18.13
CA GLY A 72 7.87 -23.17 16.93
C GLY A 72 6.44 -22.90 16.49
N LYS A 73 5.90 -23.76 15.62
CA LYS A 73 4.52 -23.58 15.11
C LYS A 73 3.46 -23.52 16.21
N ALA A 74 3.58 -24.34 17.25
CA ALA A 74 2.57 -24.38 18.30
C ALA A 74 2.48 -23.04 19.03
N GLU A 75 3.66 -22.48 19.34
CA GLU A 75 3.76 -21.19 20.00
C GLU A 75 3.27 -20.07 19.07
N ALA A 76 3.56 -20.20 17.78
CA ALA A 76 3.06 -19.24 16.78
C ALA A 76 1.52 -19.25 16.73
N GLU A 77 0.94 -20.44 16.69
CA GLU A 77 -0.53 -20.59 16.77
C GLU A 77 -1.08 -19.96 18.05
N ALA A 78 -0.41 -20.19 19.16
CA ALA A 78 -0.88 -19.69 20.45
C ALA A 78 -0.84 -18.16 20.46
N ALA A 79 0.24 -17.61 19.92
CA ALA A 79 0.40 -16.16 19.80
C ALA A 79 -0.68 -15.56 18.89
N LEU A 80 -0.96 -16.25 17.77
CA LEU A 80 -1.97 -15.76 16.84
C LEU A 80 -3.38 -15.74 17.47
N GLU A 81 -3.73 -16.80 18.19
CA GLU A 81 -4.99 -16.83 18.94
C GLU A 81 -5.06 -15.68 19.96
N ALA A 82 -3.98 -15.47 20.71
CA ALA A 82 -3.92 -14.38 21.69
C ALA A 82 -4.07 -13.02 21.01
N ALA A 83 -3.40 -12.85 19.87
CA ALA A 83 -3.38 -11.56 19.18
C ALA A 83 -4.75 -11.22 18.60
N TRP A 84 -5.43 -12.22 18.02
CA TRP A 84 -6.76 -11.97 17.50
C TRP A 84 -7.79 -11.75 18.61
N LYS A 85 -7.68 -12.48 19.72
CA LYS A 85 -8.57 -12.27 20.84
C LYS A 85 -8.40 -10.84 21.38
N ALA A 86 -7.14 -10.41 21.50
CA ALA A 86 -6.83 -9.07 22.01
C ALA A 86 -7.35 -8.01 21.05
N PHE A 87 -7.24 -8.27 19.75
CA PHE A 87 -7.62 -7.28 18.73
C PHE A 87 -9.07 -6.85 18.89
N LYS A 88 -9.92 -7.82 19.21
CA LYS A 88 -11.35 -7.60 19.34
C LYS A 88 -11.69 -6.44 20.26
N THR A 89 -10.91 -6.25 21.31
CA THR A 89 -11.15 -5.14 22.26
C THR A 89 -10.15 -3.99 22.13
N TRP A 90 -8.89 -4.30 21.85
CA TRP A 90 -7.86 -3.28 21.63
C TRP A 90 -8.21 -2.29 20.53
N LYS A 91 -8.81 -2.79 19.45
CA LYS A 91 -9.25 -1.91 18.36
C LYS A 91 -10.27 -0.85 18.82
N ASP A 92 -10.99 -1.14 19.91
CA ASP A 92 -12.07 -0.27 20.40
C ASP A 92 -11.60 0.75 21.44
N TRP A 93 -10.34 0.65 21.86
CA TRP A 93 -9.80 1.65 22.77
C TRP A 93 -9.86 3.02 22.10
N PRO A 94 -10.21 4.06 22.87
CA PRO A 94 -10.02 5.40 22.30
C PRO A 94 -8.55 5.61 21.93
N GLN A 95 -8.30 6.34 20.85
CA GLN A 95 -6.91 6.58 20.45
C GLN A 95 -6.11 7.22 21.58
N GLU A 96 -6.71 8.17 22.31
CA GLU A 96 -6.02 8.83 23.40
C GLU A 96 -5.45 7.82 24.42
N ASP A 97 -6.22 6.77 24.68
CA ASP A 97 -5.83 5.73 25.63
C ASP A 97 -4.67 4.89 25.09
N ARG A 98 -4.75 4.49 23.81
CA ARG A 98 -3.61 3.75 23.21
C ARG A 98 -2.35 4.62 23.16
N SER A 99 -2.52 5.88 22.76
CA SER A 99 -1.39 6.80 22.70
C SER A 99 -0.74 7.02 24.08
N ARG A 100 -1.55 7.15 25.15
CA ARG A 100 -0.98 7.24 26.50
C ARG A 100 -0.18 5.99 26.88
N LEU A 101 -0.66 4.82 26.44
CA LEU A 101 0.08 3.57 26.70
C LEU A 101 1.49 3.63 26.06
N LEU A 102 1.57 4.09 24.81
CA LEU A 102 2.87 4.28 24.17
C LEU A 102 3.73 5.26 24.97
N LEU A 103 3.15 6.39 25.35
CA LEU A 103 3.95 7.38 26.08
C LEU A 103 4.50 6.79 27.39
N LYS A 104 3.72 5.96 28.07
CA LYS A 104 4.23 5.27 29.25
C LYS A 104 5.42 4.34 28.90
N ALA A 105 5.27 3.57 27.82
CA ALA A 105 6.36 2.71 27.38
C ALA A 105 7.60 3.53 27.09
N ALA A 106 7.42 4.71 26.46
CA ALA A 106 8.56 5.56 26.15
C ALA A 106 9.27 6.01 27.44
N ALA A 107 8.48 6.42 28.43
CA ALA A 107 9.03 6.86 29.72
C ALA A 107 9.83 5.74 30.40
N LEU A 108 9.28 4.52 30.36
CA LEU A 108 9.95 3.35 30.95
C LEU A 108 11.24 3.03 30.21
N MET A 109 11.20 3.10 28.88
CA MET A 109 12.39 2.85 28.09
C MET A 109 13.47 3.87 28.40
N ARG A 110 13.06 5.15 28.49
CA ARG A 110 14.01 6.23 28.75
C ARG A 110 14.71 6.02 30.11
N ARG A 111 13.95 5.53 31.09
CA ARG A 111 14.52 5.27 32.42
C ARG A 111 15.51 4.08 32.41
N ARG A 112 15.41 3.23 31.39
CA ARG A 112 16.27 2.05 31.26
C ARG A 112 17.29 2.22 30.12
N LYS A 113 17.48 3.45 29.67
CA LYS A 113 18.31 3.64 28.48
C LYS A 113 19.75 3.15 28.61
N ARG A 114 20.45 3.44 29.71
CA ARG A 114 21.84 2.96 29.82
C ARG A 114 21.93 1.42 29.79
N GLU A 115 21.01 0.76 30.49
CA GLU A 115 20.97 -0.70 30.48
C GLU A 115 20.77 -1.20 29.05
N LEU A 116 19.81 -0.62 28.32
CA LEU A 116 19.55 -1.08 26.96
C LEU A 116 20.76 -0.83 26.04
N GLU A 117 21.39 0.34 26.18
CA GLU A 117 22.60 0.62 25.43
C GLU A 117 23.67 -0.43 25.73
N ALA A 118 23.89 -0.69 27.03
CA ALA A 118 24.90 -1.65 27.45
C ALA A 118 24.59 -3.05 26.88
N THR A 119 23.31 -3.39 26.81
CA THR A 119 22.90 -4.67 26.23
C THR A 119 23.22 -4.75 24.74
N LEU A 120 23.02 -3.64 24.02
CA LEU A 120 23.43 -3.58 22.61
C LEU A 120 24.94 -3.74 22.42
N VAL A 121 25.70 -3.10 23.29
CA VAL A 121 27.17 -3.20 23.27
C VAL A 121 27.60 -4.67 23.30
N TYR A 122 27.08 -5.40 24.29
CA TYR A 122 27.45 -6.81 24.44
C TYR A 122 26.81 -7.77 23.46
N GLU A 123 25.55 -7.54 23.10
CA GLU A 123 24.83 -8.52 22.29
C GLU A 123 25.11 -8.39 20.79
N VAL A 124 25.19 -7.16 20.29
CA VAL A 124 25.44 -6.96 18.85
C VAL A 124 26.70 -6.14 18.52
N GLY A 125 27.52 -5.84 19.53
CA GLY A 125 28.85 -5.26 19.26
C GLY A 125 28.83 -3.82 18.80
N LYS A 126 27.84 -3.06 19.25
CA LYS A 126 27.85 -1.60 19.02
C LYS A 126 28.80 -0.90 19.99
N ASN A 127 29.53 0.10 19.51
CA ASN A 127 30.25 0.96 20.44
C ASN A 127 29.23 1.83 21.20
N TRP A 128 29.72 2.70 22.11
CA TRP A 128 28.81 3.34 23.06
C TRP A 128 27.85 4.31 22.36
N VAL A 129 28.37 5.10 21.44
CA VAL A 129 27.51 6.10 20.78
C VAL A 129 26.55 5.43 19.79
N GLU A 130 27.01 4.40 19.07
CA GLU A 130 26.07 3.65 18.22
C GLU A 130 24.93 3.05 19.06
N ALA A 131 25.26 2.51 20.23
CA ALA A 131 24.23 1.95 21.11
C ALA A 131 23.27 3.03 21.57
N SER A 132 23.80 4.20 21.91
CA SER A 132 22.94 5.28 22.42
C SER A 132 22.01 5.77 21.31
N ALA A 133 22.52 5.88 20.08
CA ALA A 133 21.70 6.32 18.95
C ALA A 133 20.52 5.36 18.71
N ASP A 134 20.80 4.07 18.84
CA ASP A 134 19.81 3.01 18.61
C ASP A 134 18.69 3.14 19.64
N VAL A 135 19.04 3.16 20.92
CA VAL A 135 18.03 3.31 21.97
C VAL A 135 17.24 4.62 21.84
N ALA A 136 17.96 5.70 21.51
CA ALA A 136 17.31 7.01 21.35
C ALA A 136 16.28 6.96 20.21
N GLU A 137 16.61 6.29 19.10
CA GLU A 137 15.69 6.17 17.99
C GLU A 137 14.45 5.36 18.38
N ALA A 138 14.64 4.32 19.21
CA ALA A 138 13.49 3.53 19.69
C ALA A 138 12.53 4.41 20.46
N ILE A 139 13.10 5.21 21.37
CA ILE A 139 12.31 6.13 22.19
C ILE A 139 11.58 7.10 21.25
N ASP A 140 12.30 7.63 20.26
CA ASP A 140 11.70 8.54 19.27
C ASP A 140 10.52 7.89 18.55
N PHE A 141 10.66 6.62 18.13
CA PHE A 141 9.53 5.96 17.43
C PHE A 141 8.28 5.95 18.32
N ILE A 142 8.47 5.63 19.60
CA ILE A 142 7.32 5.54 20.49
C ILE A 142 6.69 6.92 20.67
N GLU A 143 7.52 7.94 20.92
CA GLU A 143 7.04 9.31 21.13
C GLU A 143 6.32 9.83 19.90
N TYR A 144 6.93 9.60 18.73
CA TYR A 144 6.45 10.09 17.47
C TYR A 144 5.14 9.39 17.08
N TYR A 145 5.13 8.06 17.11
CA TYR A 145 3.91 7.35 16.71
C TYR A 145 2.75 7.58 17.68
N ALA A 146 3.03 7.78 18.97
CA ALA A 146 1.99 8.08 19.94
C ALA A 146 1.22 9.33 19.49
N ARG A 147 1.96 10.36 19.08
CA ARG A 147 1.38 11.62 18.66
C ARG A 147 0.77 11.52 17.25
N ALA A 148 1.49 10.90 16.33
CA ALA A 148 1.02 10.75 14.96
C ALA A 148 -0.32 10.03 14.87
N ALA A 149 -0.51 9.03 15.74
CA ALA A 149 -1.74 8.23 15.74
C ALA A 149 -2.97 9.07 16.02
N LEU A 150 -2.81 10.13 16.82
CA LEU A 150 -3.93 11.01 17.11
C LEU A 150 -4.42 11.72 15.85
N ARG A 151 -3.55 11.86 14.85
CA ARG A 151 -3.93 12.53 13.61
C ARG A 151 -4.92 11.70 12.78
N TYR A 152 -5.06 10.42 13.13
CA TYR A 152 -5.97 9.51 12.42
C TYR A 152 -7.26 9.22 13.20
N ARG A 153 -7.46 9.89 14.33
CA ARG A 153 -8.55 9.50 15.27
C ARG A 153 -9.96 9.77 14.73
N TYR A 154 -10.92 8.96 15.16
CA TYR A 154 -12.32 9.04 14.71
C TYR A 154 -12.94 10.44 14.78
N PRO A 155 -13.63 10.88 13.69
CA PRO A 155 -13.54 10.40 12.30
C PRO A 155 -12.64 11.37 11.50
N ALA A 156 -11.53 10.87 10.98
CA ALA A 156 -10.44 11.72 10.53
C ALA A 156 -10.50 12.16 9.06
N VAL A 157 -11.38 11.52 8.28
CA VAL A 157 -11.34 11.71 6.83
C VAL A 157 -12.15 12.92 6.37
N GLU A 158 -11.53 13.69 5.48
CA GLU A 158 -12.15 14.88 4.92
C GLU A 158 -13.03 14.48 3.73
N VAL A 159 -14.33 14.63 3.87
CA VAL A 159 -15.27 14.26 2.81
C VAL A 159 -16.15 15.43 2.41
N VAL A 160 -16.79 15.29 1.25
CA VAL A 160 -17.69 16.28 0.69
C VAL A 160 -19.09 15.99 1.23
N PRO A 161 -19.76 16.99 1.82
CA PRO A 161 -21.13 16.78 2.32
C PRO A 161 -22.17 16.59 1.23
N TYR A 162 -23.31 16.02 1.62
CA TYR A 162 -24.42 15.79 0.70
C TYR A 162 -25.70 16.16 1.42
N PRO A 163 -26.65 16.81 0.70
CA PRO A 163 -27.89 17.25 1.35
C PRO A 163 -28.65 16.10 1.98
N GLY A 164 -29.13 16.31 3.20
CA GLY A 164 -30.04 15.37 3.83
C GLY A 164 -29.34 14.15 4.42
N GLU A 165 -28.02 14.19 4.47
CA GLU A 165 -27.24 13.03 4.92
C GLU A 165 -26.07 13.42 5.81
N ASP A 166 -25.71 12.50 6.71
CA ASP A 166 -24.39 12.53 7.32
C ASP A 166 -23.50 11.54 6.60
N ASN A 167 -22.33 12.00 6.18
CA ASN A 167 -21.35 11.12 5.57
C ASN A 167 -20.10 11.14 6.42
N GLU A 168 -19.73 9.97 6.91
CA GLU A 168 -18.66 9.91 7.89
C GLU A 168 -17.70 8.80 7.52
N SER A 169 -16.47 9.21 7.22
CA SER A 169 -15.42 8.27 6.89
C SER A 169 -14.37 8.27 8.00
N PHE A 170 -13.86 7.09 8.29
CA PHE A 170 -12.95 6.95 9.41
C PHE A 170 -12.07 5.73 9.26
N TYR A 171 -10.96 5.74 9.97
CA TYR A 171 -9.99 4.65 9.88
C TYR A 171 -10.21 3.58 10.93
N VAL A 172 -9.90 2.36 10.57
CA VAL A 172 -9.94 1.24 11.50
C VAL A 172 -8.67 0.39 11.31
N PRO A 173 -8.18 -0.20 12.40
CA PRO A 173 -7.00 -1.06 12.30
C PRO A 173 -7.32 -2.37 11.54
N LEU A 174 -6.28 -3.00 11.03
CA LEU A 174 -6.42 -4.18 10.18
C LEU A 174 -6.67 -5.48 10.94
N GLY A 175 -5.94 -5.69 12.03
CA GLY A 175 -6.04 -6.97 12.73
C GLY A 175 -4.74 -7.34 13.40
N ALA A 176 -4.49 -8.65 13.43
CA ALA A 176 -3.25 -9.20 14.00
C ALA A 176 -2.24 -9.43 12.88
N GLY A 177 -1.02 -8.95 13.09
CA GLY A 177 0.03 -9.10 12.08
C GLY A 177 1.34 -9.58 12.68
N VAL A 178 2.29 -9.88 11.79
CA VAL A 178 3.62 -10.31 12.24
C VAL A 178 4.70 -9.26 11.89
N VAL A 179 5.54 -8.99 12.88
CA VAL A 179 6.74 -8.15 12.74
C VAL A 179 8.00 -9.04 12.72
N ILE A 180 8.80 -8.89 11.67
CA ILE A 180 10.04 -9.66 11.52
C ILE A 180 11.19 -8.66 11.43
N ALA A 181 12.02 -8.66 12.47
CA ALA A 181 12.95 -7.55 12.71
C ALA A 181 14.40 -7.94 12.50
N PRO A 182 15.26 -6.94 12.22
CA PRO A 182 16.69 -7.17 11.97
C PRO A 182 17.55 -7.15 13.22
N TRP A 183 18.77 -7.70 13.12
CA TRP A 183 19.71 -7.66 14.25
C TRP A 183 20.47 -6.35 14.35
N ASN A 184 20.49 -5.53 13.29
CA ASN A 184 21.38 -4.36 13.31
C ASN A 184 20.87 -3.14 14.09
N PHE A 185 19.54 -2.99 14.17
CA PHE A 185 18.94 -1.98 15.04
C PHE A 185 17.85 -2.69 15.83
N PRO A 186 18.27 -3.55 16.78
CA PRO A 186 17.34 -4.48 17.42
C PRO A 186 16.59 -3.91 18.63
N VAL A 187 16.87 -2.64 18.95
CA VAL A 187 15.98 -1.90 19.83
C VAL A 187 15.15 -0.92 18.97
N ALA A 188 15.81 -0.07 18.19
CA ALA A 188 15.12 0.95 17.37
C ALA A 188 14.08 0.38 16.40
N ILE A 189 14.54 -0.45 15.47
CA ILE A 189 13.66 -0.92 14.38
C ILE A 189 12.65 -1.96 14.90
N PHE A 190 13.10 -2.83 15.79
CA PHE A 190 12.22 -3.75 16.49
C PHE A 190 11.07 -2.97 17.16
N THR A 191 11.41 -1.92 17.90
CA THR A 191 10.39 -1.13 18.58
C THR A 191 9.44 -0.42 17.62
N GLY A 192 10.00 0.29 16.66
CA GLY A 192 9.22 1.08 15.69
C GLY A 192 8.24 0.20 14.92
N MET A 193 8.71 -0.95 14.43
CA MET A 193 7.86 -1.82 13.62
C MET A 193 6.70 -2.42 14.43
N ILE A 194 6.88 -2.50 15.75
CA ILE A 194 5.84 -3.02 16.63
C ILE A 194 4.85 -1.91 17.04
N VAL A 195 5.38 -0.81 17.56
CA VAL A 195 4.51 0.18 18.18
C VAL A 195 3.69 1.01 17.19
N GLY A 196 4.19 1.12 15.95
CA GLY A 196 3.43 1.86 14.90
C GLY A 196 2.08 1.19 14.67
N PRO A 197 2.09 -0.09 14.20
CA PRO A 197 0.82 -0.81 14.03
C PRO A 197 -0.03 -0.84 15.32
N VAL A 198 0.61 -1.12 16.44
CA VAL A 198 -0.10 -1.25 17.71
C VAL A 198 -0.77 0.06 18.14
N ALA A 199 -0.11 1.19 17.84
CA ALA A 199 -0.62 2.50 18.28
C ALA A 199 -2.04 2.71 17.79
N VAL A 200 -2.28 2.32 16.54
CA VAL A 200 -3.57 2.60 15.90
C VAL A 200 -4.56 1.45 15.99
N GLY A 201 -4.25 0.44 16.82
CA GLY A 201 -5.25 -0.57 17.16
C GLY A 201 -5.02 -1.97 16.61
N ASN A 202 -3.90 -2.18 15.93
CA ASN A 202 -3.50 -3.53 15.54
C ASN A 202 -2.88 -4.28 16.71
N THR A 203 -2.78 -5.60 16.56
CA THR A 203 -2.02 -6.42 17.51
C THR A 203 -0.87 -7.08 16.74
N VAL A 204 0.18 -7.45 17.45
CA VAL A 204 1.42 -7.84 16.80
C VAL A 204 2.05 -9.06 17.40
N ILE A 205 2.57 -9.93 16.53
CA ILE A 205 3.45 -11.04 16.93
C ILE A 205 4.82 -10.65 16.41
N ALA A 206 5.78 -10.50 17.32
CA ALA A 206 7.11 -9.96 17.00
C ALA A 206 8.15 -11.06 17.01
N LYS A 207 8.88 -11.16 15.91
CA LYS A 207 9.92 -12.17 15.75
C LYS A 207 11.27 -11.43 15.69
N PRO A 208 12.02 -11.40 16.81
CA PRO A 208 13.33 -10.72 16.75
C PRO A 208 14.34 -11.52 15.95
N ALA A 209 15.37 -10.83 15.45
CA ALA A 209 16.48 -11.48 14.80
C ALA A 209 17.21 -12.40 15.80
N GLU A 210 17.64 -13.54 15.30
CA GLU A 210 18.29 -14.55 16.13
C GLU A 210 19.49 -14.01 16.96
N ASP A 211 20.29 -13.14 16.33
CA ASP A 211 21.46 -12.54 16.97
C ASP A 211 21.16 -11.50 18.07
N ALA A 212 19.90 -11.12 18.21
CA ALA A 212 19.51 -9.98 19.07
C ALA A 212 18.27 -10.28 19.93
N VAL A 213 18.14 -11.53 20.31
CA VAL A 213 16.96 -12.00 21.06
C VAL A 213 16.90 -11.50 22.50
N VAL A 214 18.06 -11.26 23.12
CA VAL A 214 18.09 -10.81 24.52
C VAL A 214 17.56 -9.37 24.64
N VAL A 215 18.08 -8.49 23.79
CA VAL A 215 17.62 -7.10 23.85
C VAL A 215 16.15 -6.97 23.45
N GLY A 216 15.71 -7.84 22.54
CA GLY A 216 14.29 -7.96 22.18
C GLY A 216 13.46 -8.30 23.42
N ALA A 217 13.95 -9.24 24.21
CA ALA A 217 13.26 -9.60 25.44
C ALA A 217 13.16 -8.42 26.41
N LYS A 218 14.21 -7.61 26.50
CA LYS A 218 14.20 -6.46 27.42
C LYS A 218 13.20 -5.41 26.97
N VAL A 219 13.06 -5.24 25.65
CA VAL A 219 12.00 -4.37 25.14
C VAL A 219 10.64 -4.91 25.57
N PHE A 220 10.45 -6.22 25.50
CA PHE A 220 9.22 -6.81 25.99
C PHE A 220 8.97 -6.64 27.49
N GLU A 221 10.03 -6.64 28.29
CA GLU A 221 9.92 -6.32 29.71
C GLU A 221 9.26 -4.95 29.87
N ILE A 222 9.72 -4.00 29.05
CA ILE A 222 9.17 -2.66 29.04
C ILE A 222 7.68 -2.64 28.64
N PHE A 223 7.34 -3.34 27.56
CA PHE A 223 5.93 -3.44 27.17
C PHE A 223 5.06 -4.02 28.30
N HIS A 224 5.58 -5.08 28.93
CA HIS A 224 4.82 -5.73 29.98
C HIS A 224 4.59 -4.78 31.16
N GLU A 225 5.65 -4.08 31.56
CA GLU A 225 5.54 -3.13 32.69
C GLU A 225 4.60 -1.98 32.35
N ALA A 226 4.60 -1.56 31.08
CA ALA A 226 3.72 -0.46 30.63
C ALA A 226 2.25 -0.86 30.74
N GLY A 227 1.98 -2.15 30.59
CA GLY A 227 0.62 -2.70 30.74
C GLY A 227 -0.19 -2.84 29.48
N PHE A 228 0.46 -3.12 28.34
CA PHE A 228 -0.28 -3.48 27.14
C PHE A 228 -1.16 -4.69 27.49
N PRO A 229 -2.46 -4.64 27.17
CA PRO A 229 -3.34 -5.79 27.45
C PRO A 229 -2.83 -7.11 26.87
N PRO A 230 -3.20 -8.24 27.50
CA PRO A 230 -2.72 -9.56 27.05
C PRO A 230 -3.03 -9.76 25.56
N GLY A 231 -2.05 -10.23 24.82
CA GLY A 231 -2.26 -10.53 23.40
C GLY A 231 -1.95 -9.37 22.46
N VAL A 232 -1.87 -8.15 22.98
CA VAL A 232 -1.60 -6.98 22.12
C VAL A 232 -0.21 -7.00 21.48
N VAL A 233 0.81 -7.34 22.27
CA VAL A 233 2.14 -7.56 21.72
C VAL A 233 2.65 -8.91 22.21
N ASN A 234 3.25 -9.67 21.30
CA ASN A 234 3.76 -11.02 21.61
C ASN A 234 5.18 -11.18 21.07
N PHE A 235 6.01 -11.91 21.83
CA PHE A 235 7.44 -12.01 21.58
C PHE A 235 7.78 -13.47 21.27
N LEU A 236 8.18 -13.73 20.01
CA LEU A 236 8.49 -15.07 19.54
C LEU A 236 9.88 -15.21 18.92
N PRO A 237 10.93 -15.16 19.76
CA PRO A 237 12.27 -15.50 19.28
C PRO A 237 12.24 -16.90 18.70
N GLY A 238 12.93 -17.10 17.58
CA GLY A 238 12.90 -18.36 16.87
C GLY A 238 13.59 -18.18 15.53
N VAL A 239 13.58 -19.24 14.73
CA VAL A 239 14.29 -19.22 13.46
C VAL A 239 13.41 -18.60 12.40
N GLY A 240 13.97 -17.64 11.67
CA GLY A 240 13.23 -16.87 10.67
C GLY A 240 12.52 -17.71 9.63
N GLU A 241 13.24 -18.67 9.05
CA GLU A 241 12.64 -19.52 8.02
C GLU A 241 11.73 -20.61 8.57
N GLU A 242 11.56 -20.62 9.89
CA GLU A 242 10.64 -21.57 10.53
C GLU A 242 9.40 -20.85 11.04
N VAL A 243 9.48 -20.24 12.22
CA VAL A 243 8.31 -19.54 12.78
C VAL A 243 7.95 -18.31 11.93
N GLY A 244 8.97 -17.66 11.37
CA GLY A 244 8.74 -16.48 10.54
C GLY A 244 7.98 -16.83 9.27
N ALA A 245 8.51 -17.81 8.53
CA ALA A 245 7.82 -18.30 7.34
C ALA A 245 6.40 -18.82 7.65
N TYR A 246 6.24 -19.52 8.78
CA TYR A 246 4.93 -20.04 9.20
C TYR A 246 3.88 -18.92 9.32
N LEU A 247 4.27 -17.81 9.94
CA LEU A 247 3.36 -16.68 10.11
C LEU A 247 3.12 -15.92 8.79
N VAL A 248 4.19 -15.64 8.04
CA VAL A 248 4.06 -14.98 6.73
C VAL A 248 3.06 -15.70 5.82
N GLU A 249 3.08 -17.04 5.84
CA GLU A 249 2.25 -17.86 4.96
C GLU A 249 0.87 -18.13 5.51
N HIS A 250 0.63 -17.75 6.76
CA HIS A 250 -0.59 -18.18 7.49
C HIS A 250 -1.84 -17.48 6.94
N PRO A 251 -2.96 -18.23 6.78
CA PRO A 251 -4.15 -17.53 6.24
C PRO A 251 -4.72 -16.48 7.20
N ARG A 252 -4.40 -16.58 8.49
CA ARG A 252 -4.98 -15.68 9.49
C ARG A 252 -4.04 -14.54 9.89
N ILE A 253 -2.91 -14.40 9.21
CA ILE A 253 -2.05 -13.23 9.43
C ILE A 253 -2.50 -12.11 8.49
N ARG A 254 -2.76 -10.93 9.07
CA ARG A 254 -3.39 -9.84 8.32
C ARG A 254 -2.38 -8.98 7.57
N PHE A 255 -1.21 -8.80 8.16
CA PHE A 255 -0.18 -7.97 7.59
C PHE A 255 1.17 -8.45 8.08
N ILE A 256 2.20 -8.08 7.33
CA ILE A 256 3.57 -8.44 7.63
C ILE A 256 4.40 -7.18 7.56
N ASN A 257 5.15 -6.93 8.63
CA ASN A 257 6.04 -5.77 8.68
C ASN A 257 7.45 -6.31 8.81
N PHE A 258 8.24 -6.13 7.75
CA PHE A 258 9.57 -6.75 7.65
C PHE A 258 10.67 -5.74 7.36
N THR A 259 11.77 -5.91 8.09
CA THR A 259 13.00 -5.22 7.76
C THR A 259 14.14 -6.23 7.79
N GLY A 260 14.91 -6.28 6.71
CA GLY A 260 15.99 -7.27 6.60
C GLY A 260 16.55 -7.35 5.20
N SER A 261 17.09 -8.52 4.85
CA SER A 261 17.78 -8.70 3.56
C SER A 261 16.80 -8.69 2.39
N LEU A 262 17.31 -8.30 1.21
CA LEU A 262 16.52 -8.39 0.00
C LEU A 262 16.07 -9.81 -0.27
N GLU A 263 16.98 -10.77 -0.08
CA GLU A 263 16.63 -12.17 -0.35
C GLU A 263 15.36 -12.58 0.39
N VAL A 264 15.31 -12.24 1.67
CA VAL A 264 14.19 -12.63 2.49
C VAL A 264 12.95 -11.78 2.14
N GLY A 265 13.16 -10.47 1.99
CA GLY A 265 12.09 -9.57 1.57
C GLY A 265 11.37 -10.01 0.31
N LEU A 266 12.12 -10.48 -0.68
CA LEU A 266 11.52 -10.94 -1.94
C LEU A 266 10.61 -12.13 -1.68
N LYS A 267 11.08 -13.09 -0.89
CA LYS A 267 10.26 -14.26 -0.54
C LYS A 267 8.99 -13.88 0.22
N ILE A 268 9.13 -12.97 1.18
CA ILE A 268 7.98 -12.46 1.95
C ILE A 268 6.94 -11.74 1.06
N TYR A 269 7.40 -10.84 0.21
CA TYR A 269 6.48 -10.12 -0.67
C TYR A 269 5.75 -11.09 -1.61
N GLU A 270 6.46 -12.10 -2.11
CA GLU A 270 5.86 -13.07 -3.02
C GLU A 270 4.80 -13.87 -2.27
N ALA A 271 5.16 -14.37 -1.09
CA ALA A 271 4.22 -15.14 -0.27
C ALA A 271 2.98 -14.35 0.15
N ALA A 272 3.18 -13.06 0.45
CA ALA A 272 2.06 -12.21 0.83
C ALA A 272 1.06 -12.02 -0.31
N GLY A 273 1.51 -12.24 -1.55
CA GLY A 273 0.66 -12.08 -2.74
C GLY A 273 -0.29 -13.24 -2.94
N ARG A 274 -0.02 -14.34 -2.26
CA ARG A 274 -0.80 -15.57 -2.40
C ARG A 274 -1.98 -15.64 -1.41
N LEU A 275 -3.09 -16.20 -1.85
CA LEU A 275 -4.21 -16.49 -0.97
C LEU A 275 -4.01 -17.88 -0.36
N ALA A 276 -3.63 -17.92 0.91
CA ALA A 276 -3.46 -19.19 1.63
C ALA A 276 -4.84 -19.85 1.77
N PRO A 277 -4.89 -21.20 1.87
CA PRO A 277 -6.20 -21.83 1.98
C PRO A 277 -7.02 -21.25 3.13
N GLY A 278 -8.21 -20.75 2.80
CA GLY A 278 -9.14 -20.24 3.82
C GLY A 278 -8.95 -18.76 4.12
N GLN A 279 -7.93 -18.16 3.53
CA GLN A 279 -7.64 -16.73 3.76
C GLN A 279 -8.77 -15.87 3.21
N THR A 280 -9.13 -14.81 3.93
CA THR A 280 -10.28 -13.99 3.54
C THR A 280 -9.93 -12.51 3.34
N TRP A 281 -8.68 -12.25 2.99
CA TRP A 281 -8.24 -10.89 2.69
C TRP A 281 -7.01 -10.89 1.83
N PHE A 282 -6.69 -9.70 1.31
CA PHE A 282 -5.47 -9.49 0.59
C PHE A 282 -4.44 -9.01 1.59
N LYS A 283 -3.43 -9.84 1.86
CA LYS A 283 -2.40 -9.45 2.82
C LYS A 283 -1.64 -8.20 2.40
N ARG A 284 -1.32 -7.36 3.39
CA ARG A 284 -0.37 -6.27 3.22
C ARG A 284 1.00 -6.67 3.74
N ALA A 285 2.03 -6.43 2.92
CA ALA A 285 3.39 -6.69 3.32
C ALA A 285 4.22 -5.44 3.08
N TYR A 286 4.89 -5.02 4.13
CA TYR A 286 5.79 -3.88 4.08
C TYR A 286 7.18 -4.45 4.26
N VAL A 287 8.03 -4.22 3.28
CA VAL A 287 9.37 -4.81 3.31
C VAL A 287 10.38 -3.69 3.13
N GLU A 288 11.35 -3.62 4.03
CA GLU A 288 12.39 -2.63 3.88
C GLU A 288 13.67 -3.42 3.82
N THR A 289 14.38 -3.33 2.68
N THR A 289 14.33 -3.33 2.68
CA THR A 289 15.28 -4.41 2.21
CA THR A 289 15.46 -4.17 2.42
C THR A 289 16.75 -4.04 1.83
C THR A 289 16.71 -3.30 2.41
N GLY A 290 17.29 -3.00 2.46
N GLY A 290 17.78 -3.86 1.86
CA GLY A 290 18.71 -2.66 2.30
CA GLY A 290 19.08 -3.22 1.93
C GLY A 290 19.04 -1.75 1.15
C GLY A 290 19.29 -2.12 0.93
N GLY A 291 20.33 -1.57 0.90
N GLY A 291 20.52 -1.61 0.90
CA GLY A 291 20.81 -0.63 -0.14
CA GLY A 291 20.87 -0.56 -0.03
C GLY A 291 22.24 -0.91 -0.60
C GLY A 291 22.30 -0.79 -0.51
N LYS A 292 22.66 -0.16 -1.62
CA LYS A 292 24.07 -0.05 -2.02
C LYS A 292 24.33 1.44 -2.14
N ASP A 293 24.54 2.07 -1.00
CA ASP A 293 24.44 3.53 -0.92
C ASP A 293 25.77 4.21 -1.25
N ALA A 294 25.67 5.27 -2.04
CA ALA A 294 26.83 6.02 -2.48
C ALA A 294 26.85 7.43 -1.91
N ILE A 295 28.07 7.88 -1.64
CA ILE A 295 28.33 9.31 -1.48
C ILE A 295 29.09 9.76 -2.72
N ILE A 296 28.58 10.81 -3.37
CA ILE A 296 29.30 11.47 -4.47
C ILE A 296 30.06 12.66 -3.91
N VAL A 297 31.32 12.82 -4.33
CA VAL A 297 32.03 14.05 -4.00
C VAL A 297 32.57 14.69 -5.29
N ASP A 298 32.30 15.98 -5.49
CA ASP A 298 32.87 16.67 -6.66
C ASP A 298 34.01 17.61 -6.26
N GLU A 299 34.64 18.26 -7.25
CA GLU A 299 35.85 19.02 -6.97
C GLU A 299 35.59 20.35 -6.23
N THR A 300 34.32 20.68 -6.05
CA THR A 300 33.93 21.92 -5.35
C THR A 300 33.75 21.73 -3.85
N ALA A 301 33.78 20.47 -3.40
CA ALA A 301 33.49 20.14 -2.01
C ALA A 301 34.55 20.57 -1.02
N ASP A 302 34.13 20.67 0.23
CA ASP A 302 35.05 20.72 1.35
C ASP A 302 35.55 19.29 1.54
N PHE A 303 36.78 19.04 1.10
CA PHE A 303 37.29 17.67 1.05
C PHE A 303 37.51 17.10 2.45
N ASP A 304 37.83 17.95 3.42
CA ASP A 304 38.00 17.48 4.80
C ASP A 304 36.68 17.09 5.41
N LEU A 305 35.67 17.93 5.19
CA LEU A 305 34.32 17.63 5.66
C LEU A 305 33.81 16.34 5.00
N ALA A 306 34.04 16.22 3.69
CA ALA A 306 33.63 15.03 2.95
C ALA A 306 34.29 13.78 3.53
N ALA A 307 35.60 13.83 3.73
CA ALA A 307 36.31 12.65 4.23
C ALA A 307 35.76 12.18 5.59
N GLU A 308 35.50 13.13 6.48
CA GLU A 308 34.94 12.79 7.79
C GLU A 308 33.57 12.12 7.64
N GLY A 309 32.69 12.71 6.82
CA GLY A 309 31.35 12.16 6.65
C GLY A 309 31.37 10.79 6.00
N VAL A 310 32.28 10.60 5.06
CA VAL A 310 32.42 9.30 4.39
C VAL A 310 32.85 8.22 5.36
N VAL A 311 33.85 8.55 6.19
CA VAL A 311 34.33 7.59 7.18
C VAL A 311 33.25 7.19 8.20
N VAL A 312 32.51 8.18 8.72
CA VAL A 312 31.38 7.89 9.61
C VAL A 312 30.32 7.02 8.91
N SER A 313 29.98 7.40 7.68
CA SER A 313 28.94 6.72 6.91
C SER A 313 29.31 5.28 6.55
N ALA A 314 30.60 5.06 6.25
CA ALA A 314 31.06 3.74 5.77
C ALA A 314 31.34 2.77 6.90
N TYR A 315 31.83 3.30 8.03
CA TYR A 315 32.37 2.43 9.09
C TYR A 315 31.62 2.46 10.42
N GLY A 316 30.67 3.39 10.57
CA GLY A 316 29.80 3.38 11.76
C GLY A 316 29.11 2.05 11.89
N PHE A 317 29.10 1.51 13.12
CA PHE A 317 28.63 0.14 13.37
C PHE A 317 29.16 -0.89 12.36
N GLN A 318 30.44 -0.73 12.04
CA GLN A 318 31.15 -1.67 11.17
C GLN A 318 30.53 -1.80 9.79
N GLY A 319 29.84 -0.75 9.33
CA GLY A 319 29.22 -0.77 8.01
C GLY A 319 27.95 -1.62 7.94
N GLN A 320 27.47 -2.06 9.09
CA GLN A 320 26.33 -2.96 9.18
C GLN A 320 25.02 -2.17 9.24
N LYS A 321 24.84 -1.29 8.25
CA LYS A 321 23.62 -0.46 8.17
C LYS A 321 23.10 -0.50 6.75
N CYS A 322 21.78 -0.57 6.61
CA CYS A 322 21.16 -0.47 5.29
C CYS A 322 21.43 0.88 4.64
N SER A 323 21.80 1.86 5.48
CA SER A 323 22.11 3.22 5.07
C SER A 323 23.60 3.51 4.85
N ALA A 324 24.46 2.53 5.14
CA ALA A 324 25.93 2.76 5.14
C ALA A 324 26.45 3.16 3.77
N ALA A 325 27.39 4.10 3.73
CA ALA A 325 28.10 4.40 2.48
C ALA A 325 29.00 3.22 2.14
N SER A 326 28.59 2.44 1.13
CA SER A 326 29.44 1.37 0.62
C SER A 326 30.05 1.73 -0.73
N ARG A 327 29.62 2.84 -1.33
CA ARG A 327 30.25 3.35 -2.55
C ARG A 327 30.66 4.81 -2.34
N LEU A 328 31.86 5.16 -2.78
CA LEU A 328 32.31 6.55 -2.78
C LEU A 328 32.61 6.87 -4.23
N ILE A 329 31.85 7.80 -4.81
CA ILE A 329 31.94 8.11 -6.24
C ILE A 329 32.60 9.48 -6.32
N LEU A 330 33.83 9.48 -6.86
CA LEU A 330 34.64 10.69 -6.89
C LEU A 330 34.83 11.15 -8.32
N THR A 331 34.47 12.41 -8.59
CA THR A 331 34.76 13.01 -9.90
C THR A 331 36.28 13.14 -10.05
N GLN A 332 36.76 13.35 -11.28
CA GLN A 332 38.20 13.35 -11.52
C GLN A 332 38.96 14.32 -10.62
N GLY A 333 38.47 15.55 -10.48
CA GLY A 333 39.16 16.56 -9.68
C GLY A 333 39.13 16.30 -8.17
N ALA A 334 38.18 15.49 -7.73
CA ALA A 334 38.02 15.16 -6.32
C ALA A 334 38.77 13.89 -5.96
N TYR A 335 39.09 13.07 -6.95
CA TYR A 335 39.56 11.72 -6.67
C TYR A 335 40.76 11.65 -5.71
N GLU A 336 41.90 12.21 -6.11
CA GLU A 336 43.09 12.12 -5.28
C GLU A 336 42.96 12.82 -3.92
N PRO A 337 42.49 14.09 -3.89
CA PRO A 337 42.38 14.78 -2.60
C PRO A 337 41.46 14.08 -1.59
N VAL A 338 40.33 13.56 -2.06
CA VAL A 338 39.38 12.94 -1.16
C VAL A 338 39.83 11.54 -0.74
N LEU A 339 40.29 10.74 -1.70
CA LEU A 339 40.77 9.41 -1.36
C LEU A 339 41.91 9.45 -0.34
N GLU A 340 42.88 10.33 -0.57
CA GLU A 340 44.01 10.51 0.36
C GLU A 340 43.50 10.79 1.77
N ARG A 341 42.52 11.69 1.88
CA ARG A 341 41.96 12.07 3.18
C ARG A 341 41.16 10.94 3.84
N VAL A 342 40.38 10.22 3.04
CA VAL A 342 39.59 9.09 3.53
C VAL A 342 40.55 8.02 4.04
N LEU A 343 41.61 7.75 3.28
CA LEU A 343 42.57 6.72 3.71
C LEU A 343 43.29 7.07 5.00
N LYS A 344 43.67 8.34 5.12
CA LYS A 344 44.35 8.84 6.32
C LYS A 344 43.47 8.74 7.56
N ARG A 345 42.20 9.10 7.41
CA ARG A 345 41.25 9.01 8.52
C ARG A 345 40.96 7.55 8.85
N ALA A 346 40.71 6.74 7.83
CA ALA A 346 40.28 5.36 8.05
C ALA A 346 41.38 4.51 8.68
N GLU A 347 42.64 4.79 8.32
CA GLU A 347 43.72 3.95 8.85
C GLU A 347 43.94 4.19 10.35
N ARG A 348 43.38 5.28 10.88
CA ARG A 348 43.51 5.66 12.28
C ARG A 348 42.36 5.09 13.14
N LEU A 349 41.38 4.46 12.50
CA LEU A 349 40.24 3.90 13.24
C LEU A 349 40.66 2.73 14.13
N SER A 350 40.19 2.75 15.37
CA SER A 350 40.44 1.64 16.30
C SER A 350 39.41 0.52 16.13
N VAL A 351 39.85 -0.72 16.34
CA VAL A 351 38.98 -1.88 16.26
C VAL A 351 39.21 -2.73 17.50
N GLY A 352 38.13 -3.12 18.18
CA GLY A 352 38.27 -3.99 19.33
C GLY A 352 36.97 -4.26 20.03
N PRO A 353 37.02 -4.95 21.19
CA PRO A 353 35.79 -5.28 21.90
C PRO A 353 34.91 -4.03 22.09
N ALA A 354 33.64 -4.17 21.77
CA ALA A 354 32.69 -3.04 21.82
C ALA A 354 32.64 -2.35 23.20
N GLU A 355 32.78 -3.14 24.27
CA GLU A 355 32.79 -2.56 25.63
C GLU A 355 33.84 -1.46 25.83
N GLU A 356 34.95 -1.55 25.09
CA GLU A 356 36.05 -0.56 25.15
C GLU A 356 35.74 0.77 24.41
N ASN A 357 34.56 0.84 23.80
CA ASN A 357 34.17 1.97 22.97
C ASN A 357 35.19 2.28 21.85
N PRO A 358 35.52 1.26 21.04
CA PRO A 358 36.42 1.47 19.92
C PRO A 358 35.66 2.21 18.81
N ASP A 359 36.37 2.63 17.77
CA ASP A 359 35.70 3.15 16.60
C ASP A 359 34.82 2.09 15.92
N LEU A 360 35.35 0.87 15.82
CA LEU A 360 34.60 -0.28 15.32
C LEU A 360 34.68 -1.43 16.32
N GLY A 361 33.54 -2.05 16.57
CA GLY A 361 33.52 -3.33 17.27
C GLY A 361 33.64 -4.44 16.26
N PRO A 362 33.17 -5.64 16.62
CA PRO A 362 33.23 -6.80 15.73
C PRO A 362 32.01 -6.76 14.83
N VAL A 363 32.03 -7.53 13.74
CA VAL A 363 30.77 -7.81 13.02
C VAL A 363 29.96 -8.82 13.84
N VAL A 364 28.70 -9.02 13.47
CA VAL A 364 27.73 -9.53 14.45
C VAL A 364 27.84 -11.02 14.78
N SER A 365 28.40 -11.78 13.85
CA SER A 365 28.37 -13.24 13.96
C SER A 365 29.45 -13.88 13.09
N ALA A 366 29.72 -15.15 13.36
CA ALA A 366 30.63 -15.92 12.53
C ALA A 366 30.19 -15.95 11.07
N GLU A 367 28.88 -16.10 10.84
CA GLU A 367 28.37 -16.11 9.47
C GLU A 367 28.55 -14.74 8.80
N GLN A 368 28.28 -13.65 9.53
CA GLN A 368 28.54 -12.35 8.94
C GLN A 368 30.02 -12.15 8.61
N GLU A 369 30.90 -12.54 9.53
CA GLU A 369 32.34 -12.45 9.30
C GLU A 369 32.69 -13.21 8.03
N ARG A 370 32.18 -14.43 7.92
CA ARG A 370 32.47 -15.25 6.74
C ARG A 370 32.05 -14.55 5.44
N LYS A 371 30.82 -14.02 5.41
CA LYS A 371 30.30 -13.32 4.24
C LYS A 371 31.12 -12.09 3.87
N VAL A 372 31.44 -11.28 4.88
CA VAL A 372 32.22 -10.08 4.62
C VAL A 372 33.61 -10.46 4.09
N LEU A 373 34.25 -11.46 4.71
CA LEU A 373 35.59 -11.85 4.27
C LEU A 373 35.52 -12.42 2.85
N SER A 374 34.41 -13.10 2.54
CA SER A 374 34.20 -13.66 1.18
C SER A 374 34.12 -12.54 0.14
N TYR A 375 33.39 -11.49 0.48
CA TYR A 375 33.29 -10.32 -0.40
C TYR A 375 34.61 -9.61 -0.58
N ILE A 376 35.42 -9.57 0.48
CA ILE A 376 36.77 -9.01 0.38
C ILE A 376 37.61 -9.80 -0.65
N GLU A 377 37.51 -11.12 -0.63
CA GLU A 377 38.23 -11.93 -1.62
C GLU A 377 37.74 -11.67 -3.05
N ILE A 378 36.43 -11.57 -3.22
CA ILE A 378 35.83 -11.20 -4.49
C ILE A 378 36.39 -9.84 -4.93
N GLY A 379 36.41 -8.88 -4.00
CA GLY A 379 36.87 -7.52 -4.27
C GLY A 379 38.30 -7.45 -4.76
N LYS A 380 39.16 -8.29 -4.18
CA LYS A 380 40.57 -8.33 -4.56
C LYS A 380 40.74 -8.63 -6.05
N ASN A 381 39.74 -9.27 -6.65
CA ASN A 381 39.79 -9.57 -8.09
C ASN A 381 38.97 -8.64 -8.95
N GLU A 382 38.38 -7.60 -8.34
CA GLU A 382 37.53 -6.67 -9.06
C GLU A 382 38.11 -5.25 -9.03
N GLY A 383 38.62 -4.85 -7.86
CA GLY A 383 39.24 -3.54 -7.69
C GLY A 383 40.60 -3.65 -7.02
N GLN A 384 41.15 -2.49 -6.67
CA GLN A 384 42.45 -2.43 -6.02
C GLN A 384 42.32 -2.24 -4.52
N LEU A 385 42.78 -3.23 -3.76
CA LEU A 385 42.79 -3.13 -2.31
C LEU A 385 43.82 -2.09 -1.86
N VAL A 386 43.37 -1.06 -1.16
CA VAL A 386 44.28 -0.01 -0.69
C VAL A 386 44.31 0.20 0.82
N LEU A 387 43.41 -0.47 1.54
CA LEU A 387 43.43 -0.43 3.00
C LEU A 387 42.70 -1.64 3.56
N GLY A 388 43.25 -2.24 4.62
CA GLY A 388 42.56 -3.31 5.34
C GLY A 388 42.46 -4.60 4.56
N GLY A 389 41.27 -5.21 4.58
CA GLY A 389 41.00 -6.43 3.82
C GLY A 389 41.39 -7.71 4.56
N LYS A 390 41.38 -7.65 5.89
CA LYS A 390 41.81 -8.74 6.75
C LYS A 390 40.96 -8.81 8.00
N ARG A 391 40.81 -10.01 8.55
CA ARG A 391 40.35 -10.10 9.94
C ARG A 391 41.54 -9.88 10.86
N LEU A 392 41.26 -9.28 12.01
CA LEU A 392 42.29 -8.98 12.97
C LEU A 392 42.38 -10.14 13.95
N GLU A 393 43.36 -10.09 14.84
CA GLU A 393 43.57 -11.15 15.80
C GLU A 393 42.53 -11.12 16.92
N GLY A 394 42.20 -12.28 17.47
CA GLY A 394 41.22 -12.38 18.54
C GLY A 394 40.06 -13.28 18.20
N GLU A 395 39.42 -13.81 19.25
CA GLU A 395 38.24 -14.67 19.13
C GLU A 395 37.04 -13.88 18.58
N GLY A 396 36.95 -12.61 18.94
CA GLY A 396 35.88 -11.74 18.41
C GLY A 396 35.93 -11.58 16.90
N TYR A 397 34.80 -11.21 16.29
CA TYR A 397 34.69 -11.16 14.83
C TYR A 397 35.18 -9.82 14.26
N PHE A 398 36.46 -9.54 14.46
CA PHE A 398 37.02 -8.23 14.13
C PHE A 398 37.52 -8.19 12.71
N ILE A 399 37.01 -7.24 11.93
CA ILE A 399 37.44 -7.02 10.55
C ILE A 399 37.95 -5.59 10.42
N ALA A 400 39.12 -5.42 9.79
CA ALA A 400 39.71 -4.10 9.56
C ALA A 400 38.88 -3.24 8.60
N PRO A 401 38.82 -1.92 8.84
CA PRO A 401 38.24 -1.03 7.80
C PRO A 401 38.92 -1.27 6.45
N THR A 402 38.12 -1.51 5.42
CA THR A 402 38.64 -1.92 4.12
C THR A 402 38.23 -0.95 3.03
N VAL A 403 39.18 -0.64 2.14
CA VAL A 403 38.92 0.22 0.99
C VAL A 403 39.46 -0.42 -0.30
N PHE A 404 38.58 -0.55 -1.30
CA PHE A 404 38.94 -0.88 -2.67
C PHE A 404 38.81 0.37 -3.50
N THR A 405 39.74 0.61 -4.42
CA THR A 405 39.61 1.74 -5.35
C THR A 405 39.67 1.28 -6.81
N GLU A 406 39.41 2.22 -7.73
CA GLU A 406 39.26 1.94 -9.17
C GLU A 406 38.31 0.78 -9.40
N VAL A 407 37.22 0.79 -8.64
CA VAL A 407 36.23 -0.26 -8.72
C VAL A 407 35.31 -0.01 -9.91
N PRO A 408 35.16 -1.01 -10.79
CA PRO A 408 34.19 -0.84 -11.89
C PRO A 408 32.76 -0.74 -11.34
N PRO A 409 31.96 0.21 -11.84
CA PRO A 409 30.58 0.39 -11.36
C PRO A 409 29.72 -0.89 -11.33
N LYS A 410 30.01 -1.82 -12.24
CA LYS A 410 29.25 -3.07 -12.34
C LYS A 410 29.87 -4.24 -11.61
N ALA A 411 30.99 -3.99 -10.92
CA ALA A 411 31.62 -5.02 -10.09
C ALA A 411 30.65 -5.51 -9.02
N ARG A 412 30.75 -6.78 -8.67
CA ARG A 412 29.96 -7.31 -7.55
C ARG A 412 30.08 -6.45 -6.28
N ILE A 413 31.30 -6.03 -5.93
CA ILE A 413 31.47 -5.20 -4.73
C ILE A 413 30.91 -3.78 -4.90
N ALA A 414 30.61 -3.38 -6.13
CA ALA A 414 29.92 -2.09 -6.37
C ALA A 414 28.40 -2.24 -6.54
N GLN A 415 27.89 -3.45 -6.43
CA GLN A 415 26.48 -3.75 -6.71
C GLN A 415 25.76 -4.49 -5.60
N GLU A 416 26.46 -5.36 -4.88
CA GLU A 416 25.83 -6.23 -3.90
C GLU A 416 26.09 -5.69 -2.51
N GLU A 417 25.09 -5.82 -1.64
CA GLU A 417 25.21 -5.34 -0.26
C GLU A 417 26.06 -6.29 0.58
N ILE A 418 27.25 -5.81 0.93
CA ILE A 418 28.23 -6.56 1.74
C ILE A 418 27.90 -6.49 3.25
N PHE A 419 27.42 -5.33 3.70
CA PHE A 419 26.98 -5.18 5.10
C PHE A 419 28.14 -5.39 6.09
N GLY A 420 29.29 -4.82 5.74
CA GLY A 420 30.48 -4.82 6.59
C GLY A 420 31.33 -3.61 6.27
N PRO A 421 32.52 -3.52 6.90
CA PRO A 421 33.34 -2.31 6.83
C PRO A 421 34.17 -2.28 5.54
N VAL A 422 33.46 -2.22 4.42
CA VAL A 422 34.08 -2.35 3.09
C VAL A 422 33.57 -1.27 2.17
N LEU A 423 34.47 -0.35 1.83
CA LEU A 423 34.13 0.78 0.98
C LEU A 423 34.71 0.59 -0.41
N SER A 424 33.87 0.76 -1.44
CA SER A 424 34.29 0.68 -2.85
C SER A 424 34.34 2.08 -3.46
N VAL A 425 35.52 2.47 -3.93
CA VAL A 425 35.74 3.81 -4.50
C VAL A 425 35.70 3.73 -6.03
N ILE A 426 34.87 4.58 -6.63
CA ILE A 426 34.62 4.57 -8.06
C ILE A 426 34.99 5.94 -8.62
N ARG A 427 35.87 5.96 -9.62
CA ARG A 427 36.34 7.21 -10.21
C ARG A 427 35.53 7.50 -11.47
N VAL A 428 34.97 8.70 -11.54
CA VAL A 428 34.14 9.10 -12.69
C VAL A 428 34.64 10.43 -13.22
N LYS A 429 34.18 10.81 -14.41
CA LYS A 429 34.66 12.00 -15.08
C LYS A 429 34.12 13.27 -14.44
N ASP A 430 32.80 13.33 -14.29
CA ASP A 430 32.15 14.55 -13.83
C ASP A 430 30.90 14.23 -13.05
N PHE A 431 30.21 15.28 -12.61
CA PHE A 431 29.00 15.11 -11.79
C PHE A 431 27.89 14.34 -12.49
N ALA A 432 27.69 14.60 -13.78
CA ALA A 432 26.73 13.86 -14.59
C ALA A 432 27.00 12.36 -14.52
N GLU A 433 28.24 11.95 -14.79
CA GLU A 433 28.59 10.54 -14.70
C GLU A 433 28.43 10.01 -13.27
N ALA A 434 28.78 10.84 -12.28
CA ALA A 434 28.59 10.45 -10.87
C ALA A 434 27.14 10.06 -10.60
N LEU A 435 26.20 10.85 -11.10
CA LEU A 435 24.78 10.56 -10.92
C LEU A 435 24.35 9.26 -11.62
N GLU A 436 24.85 9.06 -12.84
CA GLU A 436 24.54 7.85 -13.59
C GLU A 436 25.01 6.62 -12.82
N VAL A 437 26.25 6.67 -12.35
CA VAL A 437 26.81 5.57 -11.58
C VAL A 437 26.04 5.39 -10.25
N ALA A 438 25.72 6.50 -9.57
CA ALA A 438 24.96 6.40 -8.33
C ALA A 438 23.61 5.67 -8.51
N ASN A 439 22.91 5.99 -9.60
CA ASN A 439 21.60 5.43 -9.85
C ASN A 439 21.63 4.01 -10.39
N ASP A 440 22.77 3.61 -10.97
CA ASP A 440 22.82 2.32 -11.66
C ASP A 440 23.10 1.16 -10.70
N THR A 441 22.17 0.93 -9.79
CA THR A 441 22.16 -0.29 -8.98
C THR A 441 20.70 -0.71 -8.82
N PRO A 442 20.45 -1.93 -8.29
CA PRO A 442 19.05 -2.34 -8.07
C PRO A 442 18.36 -1.62 -6.90
N TYR A 443 19.15 -0.85 -6.15
CA TYR A 443 18.71 -0.31 -4.87
C TYR A 443 18.39 1.19 -4.94
N GLY A 444 17.89 1.75 -3.84
CA GLY A 444 17.54 3.17 -3.84
C GLY A 444 17.27 3.68 -2.45
N LEU A 445 18.15 3.35 -1.50
CA LEU A 445 17.87 3.69 -0.09
C LEU A 445 18.43 5.03 0.36
N THR A 446 19.73 5.12 0.58
CA THR A 446 20.35 6.39 0.96
C THR A 446 21.40 6.80 -0.05
N GLY A 447 21.76 8.08 -0.02
CA GLY A 447 22.79 8.65 -0.89
C GLY A 447 23.20 9.97 -0.31
N GLY A 448 24.38 10.42 -0.69
CA GLY A 448 24.84 11.74 -0.27
C GLY A 448 25.60 12.44 -1.36
N VAL A 449 25.68 13.76 -1.27
CA VAL A 449 26.54 14.54 -2.15
C VAL A 449 27.31 15.53 -1.33
N TYR A 450 28.63 15.54 -1.46
CA TYR A 450 29.45 16.65 -0.95
C TYR A 450 29.80 17.54 -2.14
N SER A 451 29.34 18.79 -2.09
CA SER A 451 29.53 19.74 -3.18
C SER A 451 29.15 21.10 -2.66
N ARG A 452 29.85 22.14 -3.12
CA ARG A 452 29.43 23.50 -2.86
C ARG A 452 28.61 24.06 -4.02
N LYS A 453 28.57 23.32 -5.14
CA LYS A 453 27.90 23.85 -6.32
C LYS A 453 26.39 23.66 -6.23
N ARG A 454 25.67 24.77 -6.13
CA ARG A 454 24.21 24.72 -5.97
C ARG A 454 23.49 23.90 -7.02
N GLU A 455 23.92 24.04 -8.27
CA GLU A 455 23.24 23.39 -9.38
C GLU A 455 23.44 21.88 -9.34
N HIS A 456 24.56 21.45 -8.78
CA HIS A 456 24.83 20.03 -8.58
C HIS A 456 23.94 19.48 -7.48
N LEU A 457 23.88 20.17 -6.34
CA LEU A 457 22.97 19.78 -5.27
C LEU A 457 21.52 19.69 -5.71
N GLU A 458 21.05 20.72 -6.40
CA GLU A 458 19.63 20.77 -6.77
C GLU A 458 19.33 19.74 -7.87
N TRP A 459 20.31 19.48 -8.74
CA TRP A 459 20.22 18.39 -9.70
C TRP A 459 20.06 17.03 -8.99
N ALA A 460 20.88 16.80 -7.97
CA ALA A 460 20.81 15.55 -7.20
C ALA A 460 19.47 15.45 -6.48
N ARG A 461 18.94 16.58 -6.01
CA ARG A 461 17.65 16.58 -5.32
C ARG A 461 16.58 16.02 -6.25
N ARG A 462 16.71 16.31 -7.55
CA ARG A 462 15.70 15.89 -8.52
C ARG A 462 15.99 14.53 -9.14
N GLU A 463 17.27 14.14 -9.18
CA GLU A 463 17.64 12.98 -10.00
C GLU A 463 18.50 11.87 -9.36
N PHE A 464 18.99 12.10 -8.14
CA PHE A 464 19.72 11.05 -7.40
C PHE A 464 18.61 10.22 -6.73
N HIS A 465 18.26 9.08 -7.33
CA HIS A 465 17.02 8.40 -7.02
C HIS A 465 17.15 7.46 -5.82
N VAL A 466 17.16 8.08 -4.65
CA VAL A 466 17.21 7.36 -3.37
C VAL A 466 16.17 7.98 -2.44
N GLY A 467 15.66 7.19 -1.50
CA GLY A 467 14.58 7.67 -0.64
C GLY A 467 15.03 8.66 0.42
N ASN A 468 16.32 8.56 0.78
CA ASN A 468 16.89 9.43 1.80
C ASN A 468 18.22 9.98 1.31
N LEU A 469 18.24 11.26 0.96
CA LEU A 469 19.39 11.92 0.32
C LEU A 469 19.90 13.00 1.27
N TYR A 470 21.21 13.10 1.40
CA TYR A 470 21.82 14.06 2.34
C TYR A 470 22.93 14.84 1.65
N PHE A 471 22.95 16.15 1.85
CA PHE A 471 23.98 17.00 1.26
C PHE A 471 24.93 17.55 2.32
N ASN A 472 26.22 17.34 2.09
CA ASN A 472 27.29 17.86 2.94
C ASN A 472 27.22 17.38 4.38
N ARG A 473 26.85 16.12 4.53
CA ARG A 473 26.77 15.45 5.84
C ARG A 473 26.67 13.94 5.64
N LYS A 474 26.85 13.21 6.72
CA LYS A 474 26.76 11.76 6.70
C LYS A 474 25.39 11.29 6.17
N ILE A 475 25.37 10.08 5.65
CA ILE A 475 24.15 9.53 5.05
C ILE A 475 23.45 8.52 5.93
N THR A 476 24.00 8.32 7.13
CA THR A 476 23.42 7.42 8.13
C THR A 476 22.73 8.23 9.23
N GLY A 477 21.97 7.55 10.07
CA GLY A 477 21.41 8.15 11.27
C GLY A 477 20.17 9.01 11.05
N ALA A 478 19.33 8.63 10.09
CA ALA A 478 18.04 9.31 9.85
C ALA A 478 17.29 9.46 11.17
N LEU A 479 16.87 10.68 11.47
CA LEU A 479 16.14 10.96 12.71
C LEU A 479 14.65 10.85 12.52
N VAL A 480 14.00 10.12 13.43
CA VAL A 480 12.57 10.02 13.45
C VAL A 480 11.96 11.44 13.37
N GLY A 481 10.95 11.57 12.51
CA GLY A 481 10.24 12.84 12.35
C GLY A 481 10.91 13.82 11.39
N VAL A 482 12.25 13.88 11.46
CA VAL A 482 13.05 14.83 10.68
C VAL A 482 13.25 14.31 9.27
N GLN A 483 13.64 13.04 9.18
CA GLN A 483 13.92 12.39 7.90
C GLN A 483 13.15 11.10 7.76
N PRO A 484 11.92 11.17 7.20
CA PRO A 484 11.13 9.94 6.94
C PRO A 484 12.02 8.93 6.26
N PHE A 485 12.08 7.71 6.80
CA PHE A 485 13.11 6.76 6.33
C PHE A 485 12.58 5.59 5.51
N GLY A 486 13.12 5.42 4.32
CA GLY A 486 12.65 4.34 3.45
C GLY A 486 13.01 4.62 2.01
N GLY A 487 13.16 3.56 1.23
CA GLY A 487 13.76 3.73 -0.09
C GLY A 487 12.89 3.43 -1.28
N PHE A 488 13.56 3.36 -2.41
CA PHE A 488 12.97 3.05 -3.70
C PHE A 488 13.53 1.74 -4.26
N LYS A 489 12.94 1.26 -5.36
CA LYS A 489 13.49 0.12 -6.11
C LYS A 489 13.62 -1.09 -5.16
N LEU A 490 14.72 -1.83 -5.22
CA LEU A 490 14.79 -3.04 -4.40
C LEU A 490 15.24 -2.75 -2.97
N SER A 491 15.23 -1.47 -2.59
CA SER A 491 15.39 -1.11 -1.18
C SER A 491 14.05 -1.27 -0.42
N GLY A 492 12.99 -1.63 -1.12
CA GLY A 492 11.76 -2.02 -0.45
C GLY A 492 10.52 -1.31 -0.94
N THR A 493 9.51 -1.27 -0.06
CA THR A 493 8.19 -0.75 -0.44
C THR A 493 7.95 0.73 -0.12
N ASN A 494 8.97 1.45 0.34
CA ASN A 494 8.87 2.89 0.64
C ASN A 494 7.93 3.21 1.82
N ALA A 495 7.87 2.28 2.77
CA ALA A 495 7.11 2.51 3.99
C ALA A 495 7.97 3.46 4.82
N LYS A 496 7.59 4.72 4.88
CA LYS A 496 8.46 5.73 5.49
C LYS A 496 8.31 5.73 7.01
N THR A 497 9.31 5.16 7.69
CA THR A 497 9.28 5.12 9.15
C THR A 497 9.52 6.51 9.73
N GLY A 498 8.99 6.77 10.93
CA GLY A 498 9.18 8.07 11.56
C GLY A 498 8.50 9.19 10.78
N ALA A 499 7.40 8.85 10.12
CA ALA A 499 6.63 9.80 9.34
C ALA A 499 5.14 9.57 9.58
N LEU A 500 4.35 10.64 9.42
CA LEU A 500 2.89 10.53 9.59
C LEU A 500 2.31 9.43 8.71
N ASP A 501 2.83 9.32 7.48
CA ASP A 501 2.35 8.35 6.50
C ASP A 501 2.50 6.89 6.95
N TYR A 502 3.45 6.60 7.84
CA TYR A 502 3.70 5.22 8.24
C TYR A 502 2.43 4.56 8.80
N LEU A 503 1.69 5.28 9.63
CA LEU A 503 0.57 4.67 10.34
C LEU A 503 -0.58 4.35 9.40
N ARG A 504 -0.69 5.09 8.30
CA ARG A 504 -1.76 4.86 7.31
C ARG A 504 -1.67 3.46 6.74
N LEU A 505 -0.45 2.93 6.68
CA LEU A 505 -0.21 1.60 6.14
C LEU A 505 -0.90 0.51 6.95
N PHE A 506 -1.23 0.81 8.21
CA PHE A 506 -1.81 -0.18 9.12
C PHE A 506 -3.27 0.08 9.43
N LEU A 507 -3.90 0.85 8.54
CA LEU A 507 -5.30 1.20 8.67
C LEU A 507 -6.05 0.92 7.37
N GLU A 508 -7.36 0.66 7.50
CA GLU A 508 -8.26 0.69 6.34
C GLU A 508 -9.36 1.70 6.63
N MET A 509 -10.09 2.12 5.60
CA MET A 509 -11.08 3.18 5.76
C MET A 509 -12.49 2.64 5.57
N LYS A 510 -13.41 3.11 6.41
CA LYS A 510 -14.83 2.80 6.26
C LYS A 510 -15.57 4.11 5.97
N ALA A 511 -16.58 4.06 5.11
CA ALA A 511 -17.44 5.22 4.80
C ALA A 511 -18.87 4.89 5.15
N VAL A 512 -19.48 5.67 6.05
CA VAL A 512 -20.83 5.35 6.54
C VAL A 512 -21.75 6.55 6.32
N ALA A 513 -22.82 6.35 5.55
CA ALA A 513 -23.79 7.42 5.24
C ALA A 513 -25.09 7.12 5.95
N GLU A 514 -25.69 8.14 6.56
CA GLU A 514 -27.07 8.02 7.05
C GLU A 514 -27.90 9.07 6.34
N ARG A 515 -28.95 8.62 5.64
CA ARG A 515 -29.91 9.54 5.04
C ARG A 515 -31.01 9.77 6.08
N PHE A 516 -31.20 11.01 6.52
CA PHE A 516 -32.15 11.28 7.62
C PHE A 516 -33.60 11.32 7.22
N MET B 1 -3.23 27.48 -8.41
CA MET B 1 -4.45 27.54 -9.26
C MET B 1 -5.73 27.53 -8.41
N THR B 2 -6.73 28.34 -8.80
CA THR B 2 -7.95 28.47 -8.00
C THR B 2 -9.20 28.26 -8.84
N VAL B 3 -9.94 27.21 -8.48
CA VAL B 3 -11.19 26.86 -9.12
C VAL B 3 -12.27 26.81 -8.04
N GLU B 4 -13.53 26.72 -8.47
CA GLU B 4 -14.65 26.55 -7.55
C GLU B 4 -14.47 25.31 -6.66
N PRO B 5 -14.94 25.37 -5.41
CA PRO B 5 -14.96 24.15 -4.63
C PRO B 5 -15.65 23.00 -5.37
N PHE B 6 -15.15 21.81 -5.16
CA PHE B 6 -15.71 20.62 -5.79
C PHE B 6 -17.20 20.48 -5.48
N ARG B 7 -17.99 20.23 -6.52
CA ARG B 7 -19.36 19.75 -6.36
C ARG B 7 -19.55 18.58 -7.32
N ASN B 8 -20.43 17.66 -6.97
CA ASN B 8 -20.74 16.54 -7.87
C ASN B 8 -21.51 17.01 -9.09
N GLU B 9 -21.19 16.43 -10.24
CA GLU B 9 -21.97 16.66 -11.47
C GLU B 9 -23.40 16.14 -11.28
N PRO B 10 -24.41 16.99 -11.52
CA PRO B 10 -25.79 16.53 -11.35
C PRO B 10 -26.12 15.38 -12.29
N ILE B 11 -26.83 14.38 -11.76
CA ILE B 11 -27.27 13.24 -12.57
C ILE B 11 -28.60 13.61 -13.24
N GLU B 12 -28.63 13.57 -14.56
CA GLU B 12 -29.82 13.92 -15.33
C GLU B 12 -30.93 12.90 -15.06
N THR B 13 -32.13 13.41 -14.77
CA THR B 13 -33.33 12.59 -14.53
C THR B 13 -34.26 12.52 -15.74
N PHE B 14 -34.01 13.38 -16.72
CA PHE B 14 -34.80 13.44 -17.98
C PHE B 14 -36.29 13.73 -17.73
N GLN B 15 -36.55 14.57 -16.73
CA GLN B 15 -37.91 14.98 -16.39
C GLN B 15 -38.41 16.16 -17.23
N THR B 16 -37.51 16.83 -17.93
CA THR B 16 -37.86 17.92 -18.83
C THR B 16 -37.87 17.46 -20.29
N GLU B 17 -38.64 18.16 -21.12
CA GLU B 17 -38.69 17.90 -22.55
C GLU B 17 -37.33 18.09 -23.21
N GLU B 18 -36.64 19.17 -22.84
CA GLU B 18 -35.31 19.46 -23.39
C GLU B 18 -34.33 18.30 -23.16
N ALA B 19 -34.33 17.75 -21.95
CA ALA B 19 -33.45 16.62 -21.62
C ALA B 19 -33.75 15.39 -22.48
N ARG B 20 -35.04 15.08 -22.63
CA ARG B 20 -35.47 13.93 -23.44
C ARG B 20 -35.13 14.14 -24.91
N ARG B 21 -35.39 15.34 -25.42
CA ARG B 21 -35.02 15.73 -26.78
C ARG B 21 -33.52 15.58 -27.01
N ALA B 22 -32.71 16.08 -26.07
CA ALA B 22 -31.26 16.00 -26.16
C ALA B 22 -30.78 14.55 -26.17
N MET B 23 -31.41 13.71 -25.35
CA MET B 23 -31.08 12.29 -25.34
C MET B 23 -31.45 11.59 -26.66
N ARG B 24 -32.65 11.89 -27.17
CA ARG B 24 -33.05 11.28 -28.44
C ARG B 24 -32.08 11.66 -29.56
N GLU B 25 -31.65 12.93 -29.57
CA GLU B 25 -30.67 13.42 -30.53
C GLU B 25 -29.36 12.66 -30.43
N ALA B 26 -28.90 12.45 -29.19
CA ALA B 26 -27.64 11.75 -28.95
C ALA B 26 -27.72 10.26 -29.33
N LEU B 27 -28.83 9.61 -29.01
CA LEU B 27 -29.07 8.22 -29.40
C LEU B 27 -29.02 8.12 -30.92
N ARG B 28 -29.63 9.09 -31.61
CA ARG B 28 -29.58 9.08 -33.07
C ARG B 28 -28.15 9.20 -33.60
N ARG B 29 -27.40 10.18 -33.11
CA ARG B 29 -26.03 10.36 -33.59
C ARG B 29 -25.17 9.14 -33.33
N VAL B 30 -25.30 8.57 -32.13
CA VAL B 30 -24.52 7.40 -31.75
C VAL B 30 -24.81 6.20 -32.66
N ARG B 31 -26.09 5.90 -32.90
CA ARG B 31 -26.43 4.75 -33.76
C ARG B 31 -26.09 4.99 -35.22
N GLU B 32 -26.11 6.25 -35.66
CA GLU B 32 -25.64 6.58 -37.00
C GLU B 32 -24.14 6.31 -37.17
N GLU B 33 -23.43 6.25 -36.03
CA GLU B 33 -21.98 6.00 -36.03
C GLU B 33 -21.62 4.55 -35.69
N PHE B 34 -22.62 3.67 -35.66
CA PHE B 34 -22.36 2.25 -35.37
C PHE B 34 -21.30 1.58 -36.27
N GLY B 35 -21.14 2.08 -37.49
CA GLY B 35 -20.12 1.51 -38.41
C GLY B 35 -18.67 1.88 -38.09
N ARG B 36 -18.47 2.73 -37.09
CA ARG B 36 -17.14 3.28 -36.83
C ARG B 36 -16.12 2.24 -36.34
N HIS B 37 -14.88 2.47 -36.73
CA HIS B 37 -13.75 1.69 -36.25
C HIS B 37 -12.81 2.59 -35.45
N TYR B 38 -12.40 2.13 -34.28
CA TYR B 38 -11.58 2.92 -33.37
C TYR B 38 -10.26 2.21 -33.18
N PRO B 39 -9.15 2.84 -33.63
CA PRO B 39 -7.85 2.20 -33.40
C PRO B 39 -7.38 2.20 -31.92
N LEU B 40 -6.23 1.59 -31.66
CA LEU B 40 -5.50 1.82 -30.40
C LEU B 40 -5.04 3.26 -30.34
N TYR B 41 -4.68 3.72 -29.14
CA TYR B 41 -4.05 5.02 -29.00
C TYR B 41 -2.75 4.82 -28.25
N ILE B 42 -1.64 5.07 -28.94
CA ILE B 42 -0.31 4.85 -28.40
C ILE B 42 0.56 6.04 -28.77
N GLY B 43 1.22 6.62 -27.77
CA GLY B 43 2.18 7.70 -28.00
C GLY B 43 1.59 8.88 -28.76
N GLY B 44 0.37 9.24 -28.39
CA GLY B 44 -0.28 10.44 -28.91
C GLY B 44 -0.88 10.27 -30.29
N GLU B 45 -0.91 9.05 -30.79
CA GLU B 45 -1.56 8.79 -32.08
C GLU B 45 -2.43 7.53 -32.10
N TRP B 46 -3.43 7.57 -32.98
CA TRP B 46 -4.29 6.43 -33.20
C TRP B 46 -3.55 5.44 -34.11
N VAL B 47 -3.41 4.21 -33.63
CA VAL B 47 -2.61 3.17 -34.29
C VAL B 47 -3.52 1.95 -34.50
N ASP B 48 -3.72 1.56 -35.75
CA ASP B 48 -4.59 0.43 -36.09
C ASP B 48 -3.82 -0.89 -36.12
N THR B 49 -4.56 -2.01 -36.07
CA THR B 49 -3.98 -3.34 -36.14
C THR B 49 -4.75 -4.12 -37.20
N LYS B 50 -4.18 -5.27 -37.61
CA LYS B 50 -4.86 -6.13 -38.58
C LYS B 50 -6.10 -6.78 -37.96
N GLU B 51 -5.94 -7.34 -36.77
CA GLU B 51 -7.06 -7.96 -36.09
C GLU B 51 -7.92 -6.90 -35.42
N ARG B 52 -9.16 -7.26 -35.15
CA ARG B 52 -10.11 -6.33 -34.57
C ARG B 52 -10.95 -6.97 -33.48
N MET B 53 -11.65 -6.12 -32.73
CA MET B 53 -12.61 -6.55 -31.74
C MET B 53 -13.96 -6.00 -32.11
N VAL B 54 -14.99 -6.80 -31.87
CA VAL B 54 -16.34 -6.39 -32.22
C VAL B 54 -17.11 -6.09 -30.96
N SER B 55 -17.86 -4.99 -30.98
CA SER B 55 -18.73 -4.64 -29.88
C SER B 55 -20.19 -4.72 -30.32
N LEU B 56 -20.98 -5.45 -29.53
CA LEU B 56 -22.38 -5.69 -29.86
C LEU B 56 -23.34 -4.94 -28.94
N ASN B 57 -24.54 -4.72 -29.44
CA ASN B 57 -25.64 -4.18 -28.65
C ASN B 57 -26.29 -5.30 -27.83
N PRO B 58 -26.13 -5.28 -26.48
CA PRO B 58 -26.69 -6.39 -25.70
C PRO B 58 -28.23 -6.41 -25.71
N SER B 59 -28.85 -5.31 -26.17
CA SER B 59 -30.31 -5.24 -26.34
C SER B 59 -30.76 -5.82 -27.70
N ALA B 60 -29.81 -5.99 -28.61
CA ALA B 60 -30.02 -6.54 -29.97
C ALA B 60 -28.66 -6.99 -30.52
N PRO B 61 -28.16 -8.14 -30.02
CA PRO B 61 -26.76 -8.51 -30.26
C PRO B 61 -26.39 -8.88 -31.69
N SER B 62 -27.37 -8.90 -32.59
CA SER B 62 -27.04 -9.03 -34.01
C SER B 62 -26.62 -7.67 -34.58
N GLU B 63 -26.77 -6.62 -33.77
CA GLU B 63 -26.39 -5.27 -34.14
C GLU B 63 -25.03 -4.88 -33.57
N VAL B 64 -24.10 -4.61 -34.47
CA VAL B 64 -22.76 -4.15 -34.13
C VAL B 64 -22.79 -2.66 -33.76
N VAL B 65 -22.22 -2.31 -32.61
CA VAL B 65 -22.16 -0.90 -32.17
C VAL B 65 -20.84 -0.19 -32.54
N GLY B 66 -19.86 -0.99 -32.95
CA GLY B 66 -18.56 -0.50 -33.44
C GLY B 66 -17.52 -1.58 -33.39
N THR B 67 -16.36 -1.33 -33.98
CA THR B 67 -15.19 -2.21 -33.89
C THR B 67 -14.00 -1.41 -33.40
N THR B 68 -13.02 -2.10 -32.81
CA THR B 68 -11.76 -1.47 -32.44
C THR B 68 -10.59 -2.31 -32.91
N ALA B 69 -9.41 -1.72 -32.87
CA ALA B 69 -8.18 -2.47 -33.05
C ALA B 69 -8.00 -3.45 -31.88
N LYS B 70 -7.05 -4.38 -32.01
CA LYS B 70 -6.86 -5.42 -31.01
C LYS B 70 -5.38 -5.47 -30.70
N ALA B 71 -5.04 -5.14 -29.47
CA ALA B 71 -3.65 -5.10 -29.05
C ALA B 71 -3.17 -6.50 -28.68
N GLY B 72 -1.93 -6.81 -29.07
CA GLY B 72 -1.22 -8.01 -28.63
C GLY B 72 0.07 -7.58 -27.94
N LYS B 73 0.99 -8.52 -27.74
CA LYS B 73 2.25 -8.22 -27.03
C LYS B 73 3.06 -7.10 -27.67
N ALA B 74 3.16 -7.09 -29.00
CA ALA B 74 3.94 -6.06 -29.70
C ALA B 74 3.42 -4.66 -29.39
N GLU B 75 2.10 -4.52 -29.42
CA GLU B 75 1.47 -3.22 -29.14
C GLU B 75 1.60 -2.86 -27.65
N ALA B 76 1.55 -3.87 -26.78
CA ALA B 76 1.79 -3.67 -25.34
C ALA B 76 3.19 -3.14 -25.09
N GLU B 77 4.20 -3.74 -25.75
CA GLU B 77 5.58 -3.25 -25.68
C GLU B 77 5.74 -1.84 -26.22
N ALA B 78 5.11 -1.55 -27.36
CA ALA B 78 5.14 -0.21 -27.92
C ALA B 78 4.56 0.84 -26.97
N ALA B 79 3.43 0.50 -26.36
CA ALA B 79 2.78 1.39 -25.39
C ALA B 79 3.66 1.59 -24.15
N LEU B 80 4.31 0.52 -23.69
CA LEU B 80 5.22 0.60 -22.53
C LEU B 80 6.40 1.52 -22.78
N GLU B 81 7.02 1.37 -23.94
CA GLU B 81 8.06 2.29 -24.37
C GLU B 81 7.56 3.74 -24.41
N ALA B 82 6.37 3.96 -24.97
CA ALA B 82 5.83 5.32 -25.11
C ALA B 82 5.57 5.89 -23.72
N ALA B 83 5.06 5.04 -22.84
CA ALA B 83 4.68 5.47 -21.48
C ALA B 83 5.89 5.83 -20.62
N TRP B 84 6.94 5.02 -20.69
CA TRP B 84 8.17 5.37 -19.98
C TRP B 84 8.85 6.60 -20.53
N LYS B 85 8.87 6.74 -21.87
CA LYS B 85 9.47 7.92 -22.46
C LYS B 85 8.73 9.18 -22.01
N ALA B 86 7.40 9.10 -21.97
CA ALA B 86 6.58 10.23 -21.54
C ALA B 86 6.78 10.53 -20.07
N PHE B 87 6.95 9.48 -19.27
CA PHE B 87 7.09 9.64 -17.82
C PHE B 87 8.27 10.53 -17.47
N LYS B 88 9.38 10.36 -18.19
CA LYS B 88 10.57 11.16 -17.95
C LYS B 88 10.35 12.68 -17.89
N THR B 89 9.39 13.19 -18.66
CA THR B 89 9.09 14.63 -18.64
C THR B 89 7.77 14.95 -17.94
N TRP B 90 6.78 14.07 -18.07
CA TRP B 90 5.47 14.28 -17.44
C TRP B 90 5.60 14.41 -15.93
N LYS B 91 6.46 13.58 -15.34
CA LYS B 91 6.75 13.66 -13.90
C LYS B 91 7.21 15.05 -13.48
N ASP B 92 7.81 15.81 -14.41
CA ASP B 92 8.41 17.09 -14.05
C ASP B 92 7.46 18.27 -14.25
N TRP B 93 6.30 18.04 -14.84
CA TRP B 93 5.33 19.12 -14.98
C TRP B 93 4.95 19.62 -13.59
N PRO B 94 4.81 20.94 -13.43
CA PRO B 94 4.25 21.44 -12.18
C PRO B 94 2.87 20.80 -11.97
N GLN B 95 2.52 20.53 -10.71
CA GLN B 95 1.20 19.93 -10.43
C GLN B 95 0.07 20.79 -11.01
N GLU B 96 0.19 22.10 -10.90
CA GLU B 96 -0.86 23.01 -11.38
C GLU B 96 -1.09 22.76 -12.88
N ASP B 97 -0.02 22.51 -13.63
CA ASP B 97 -0.16 22.25 -15.07
C ASP B 97 -0.89 20.92 -15.33
N ARG B 98 -0.51 19.87 -14.60
CA ARG B 98 -1.20 18.57 -14.76
C ARG B 98 -2.67 18.65 -14.34
N SER B 99 -2.94 19.37 -13.26
CA SER B 99 -4.30 19.56 -12.80
C SER B 99 -5.15 20.33 -13.83
N ARG B 100 -4.56 21.34 -14.45
CA ARG B 100 -5.30 22.08 -15.49
C ARG B 100 -5.65 21.17 -16.66
N LEU B 101 -4.75 20.23 -16.97
CA LEU B 101 -5.00 19.31 -18.07
C LEU B 101 -6.23 18.45 -17.76
N LEU B 102 -6.30 17.91 -16.54
CA LEU B 102 -7.49 17.17 -16.09
C LEU B 102 -8.75 18.03 -16.18
N LEU B 103 -8.67 19.26 -15.70
CA LEU B 103 -9.84 20.16 -15.74
C LEU B 103 -10.34 20.38 -17.17
N LYS B 104 -9.42 20.51 -18.12
CA LYS B 104 -9.78 20.58 -19.54
C LYS B 104 -10.50 19.30 -19.97
N ALA B 105 -9.93 18.15 -19.62
CA ALA B 105 -10.56 16.88 -19.99
C ALA B 105 -11.97 16.81 -19.43
N ALA B 106 -12.16 17.25 -18.17
CA ALA B 106 -13.49 17.24 -17.57
C ALA B 106 -14.47 18.14 -18.34
N ALA B 107 -14.02 19.33 -18.74
CA ALA B 107 -14.87 20.26 -19.50
C ALA B 107 -15.29 19.61 -20.82
N LEU B 108 -14.34 18.95 -21.48
CA LEU B 108 -14.62 18.29 -22.75
C LEU B 108 -15.61 17.15 -22.55
N MET B 109 -15.42 16.36 -21.48
CA MET B 109 -16.33 15.27 -21.18
C MET B 109 -17.74 15.80 -20.91
N ARG B 110 -17.82 16.87 -20.13
CA ARG B 110 -19.12 17.45 -19.80
C ARG B 110 -19.88 17.89 -21.06
N ARG B 111 -19.15 18.42 -22.04
CA ARG B 111 -19.78 18.88 -23.27
C ARG B 111 -20.23 17.73 -24.18
N ARG B 112 -19.75 16.53 -23.88
CA ARG B 112 -20.12 15.33 -24.66
C ARG B 112 -20.91 14.31 -23.83
N LYS B 113 -21.51 14.78 -22.74
CA LYS B 113 -22.16 13.84 -21.83
C LYS B 113 -23.30 13.05 -22.48
N ARG B 114 -24.17 13.70 -23.27
CA ARG B 114 -25.29 12.96 -23.85
C ARG B 114 -24.78 11.86 -24.80
N GLU B 115 -23.76 12.20 -25.58
CA GLU B 115 -23.16 11.24 -26.53
C GLU B 115 -22.59 10.03 -25.76
N LEU B 116 -21.86 10.30 -24.68
CA LEU B 116 -21.33 9.21 -23.86
C LEU B 116 -22.42 8.36 -23.23
N GLU B 117 -23.46 9.02 -22.70
CA GLU B 117 -24.57 8.31 -22.08
C GLU B 117 -25.21 7.41 -23.13
N ALA B 118 -25.45 7.95 -24.32
CA ALA B 118 -26.09 7.15 -25.40
C ALA B 118 -25.23 5.95 -25.80
N THR B 119 -23.91 6.15 -25.79
CA THR B 119 -22.98 5.07 -26.10
C THR B 119 -23.08 3.99 -25.03
N LEU B 120 -23.21 4.38 -23.76
CA LEU B 120 -23.41 3.42 -22.68
C LEU B 120 -24.72 2.65 -22.87
N VAL B 121 -25.77 3.37 -23.24
CA VAL B 121 -27.06 2.76 -23.48
C VAL B 121 -26.94 1.61 -24.50
N TYR B 122 -26.38 1.92 -25.67
CA TYR B 122 -26.25 0.94 -26.74
C TYR B 122 -25.17 -0.12 -26.53
N GLU B 123 -24.04 0.24 -25.92
CA GLU B 123 -22.95 -0.72 -25.82
C GLU B 123 -23.05 -1.66 -24.63
N VAL B 124 -23.50 -1.16 -23.48
CA VAL B 124 -23.56 -2.00 -22.27
C VAL B 124 -24.97 -2.14 -21.64
N GLY B 125 -25.99 -1.56 -22.29
CA GLY B 125 -27.37 -1.82 -21.89
C GLY B 125 -27.79 -1.10 -20.61
N LYS B 126 -27.21 0.07 -20.38
CA LYS B 126 -27.68 0.95 -19.31
C LYS B 126 -28.94 1.70 -19.74
N ASN B 127 -29.90 1.79 -18.84
CA ASN B 127 -31.00 2.72 -19.09
C ASN B 127 -30.50 4.15 -18.93
N TRP B 128 -31.38 5.13 -19.13
CA TRP B 128 -30.93 6.50 -19.28
C TRP B 128 -30.29 7.05 -18.00
N VAL B 129 -30.92 6.78 -16.86
CA VAL B 129 -30.42 7.35 -15.58
C VAL B 129 -29.13 6.64 -15.15
N GLU B 130 -29.07 5.32 -15.31
CA GLU B 130 -27.80 4.60 -15.07
C GLU B 130 -26.67 5.16 -15.96
N ALA B 131 -26.97 5.42 -17.23
CA ALA B 131 -25.96 5.95 -18.14
C ALA B 131 -25.50 7.35 -17.65
N SER B 132 -26.45 8.19 -17.24
CA SER B 132 -26.12 9.56 -16.84
C SER B 132 -25.28 9.56 -15.56
N ALA B 133 -25.64 8.67 -14.63
CA ALA B 133 -24.89 8.54 -13.37
C ALA B 133 -23.44 8.12 -13.62
N ASP B 134 -23.26 7.22 -14.60
CA ASP B 134 -21.93 6.70 -14.94
C ASP B 134 -21.06 7.83 -15.52
N VAL B 135 -21.55 8.54 -16.53
CA VAL B 135 -20.79 9.65 -17.11
C VAL B 135 -20.51 10.75 -16.07
N ALA B 136 -21.51 11.05 -15.25
CA ALA B 136 -21.40 12.09 -14.20
C ALA B 136 -20.28 11.73 -13.21
N GLU B 137 -20.20 10.45 -12.87
CA GLU B 137 -19.18 9.96 -11.95
C GLU B 137 -17.78 10.10 -12.54
N ALA B 138 -17.68 9.83 -13.85
CA ALA B 138 -16.43 10.00 -14.57
C ALA B 138 -15.93 11.43 -14.51
N ILE B 139 -16.84 12.37 -14.80
CA ILE B 139 -16.56 13.79 -14.65
C ILE B 139 -16.12 14.11 -13.23
N ASP B 140 -16.85 13.58 -12.25
CA ASP B 140 -16.50 13.77 -10.83
C ASP B 140 -15.09 13.30 -10.52
N PHE B 141 -14.69 12.12 -11.03
CA PHE B 141 -13.31 11.65 -10.79
C PHE B 141 -12.28 12.64 -11.29
N ILE B 142 -12.51 13.16 -12.49
CA ILE B 142 -11.55 14.08 -13.08
C ILE B 142 -11.48 15.39 -12.25
N GLU B 143 -12.65 15.95 -11.92
CA GLU B 143 -12.72 17.20 -11.15
C GLU B 143 -12.12 17.01 -9.76
N TYR B 144 -12.43 15.88 -9.15
CA TYR B 144 -11.97 15.60 -7.78
C TYR B 144 -10.46 15.38 -7.74
N TYR B 145 -9.95 14.47 -8.59
CA TYR B 145 -8.52 14.19 -8.57
C TYR B 145 -7.66 15.40 -9.02
N ALA B 146 -8.18 16.23 -9.92
CA ALA B 146 -7.44 17.45 -10.30
C ALA B 146 -7.14 18.29 -9.06
N ARG B 147 -8.16 18.46 -8.24
CA ARG B 147 -8.06 19.25 -7.01
C ARG B 147 -7.24 18.53 -5.93
N ALA B 148 -7.54 17.24 -5.72
CA ALA B 148 -6.87 16.44 -4.69
C ALA B 148 -5.36 16.39 -4.92
N ALA B 149 -4.95 16.31 -6.19
CA ALA B 149 -3.53 16.23 -6.52
C ALA B 149 -2.73 17.42 -6.00
N LEU B 150 -3.38 18.60 -5.94
CA LEU B 150 -2.67 19.79 -5.47
C LEU B 150 -2.29 19.68 -3.99
N ARG B 151 -3.01 18.83 -3.26
CA ARG B 151 -2.74 18.64 -1.83
C ARG B 151 -1.40 17.92 -1.61
N TYR B 152 -0.88 17.29 -2.67
CA TYR B 152 0.38 16.55 -2.59
C TYR B 152 1.57 17.31 -3.20
N ARG B 153 1.34 18.55 -3.63
CA ARG B 153 2.34 19.27 -4.44
C ARG B 153 3.60 19.61 -3.65
N TYR B 154 4.70 19.72 -4.36
CA TYR B 154 6.03 19.99 -3.78
C TYR B 154 6.09 21.22 -2.87
N PRO B 155 6.69 21.08 -1.68
CA PRO B 155 7.01 19.84 -0.96
C PRO B 155 5.97 19.62 0.14
N ALA B 156 5.19 18.55 0.03
CA ALA B 156 3.96 18.43 0.83
C ALA B 156 4.10 17.85 2.26
N VAL B 157 5.23 17.22 2.57
CA VAL B 157 5.30 16.40 3.79
C VAL B 157 5.64 17.24 5.00
N GLU B 158 4.87 17.04 6.07
CA GLU B 158 5.15 17.68 7.36
C GLU B 158 6.26 16.95 8.11
N VAL B 159 7.39 17.63 8.28
CA VAL B 159 8.53 17.05 9.00
C VAL B 159 8.97 17.91 10.18
N VAL B 160 9.75 17.29 11.05
CA VAL B 160 10.28 17.95 12.24
C VAL B 160 11.60 18.60 11.84
N PRO B 161 11.76 19.90 12.14
CA PRO B 161 13.04 20.53 11.78
C PRO B 161 14.21 20.13 12.67
N TYR B 162 15.41 20.41 12.16
CA TYR B 162 16.65 20.06 12.83
C TYR B 162 17.60 21.25 12.68
N PRO B 163 18.33 21.59 13.75
CA PRO B 163 19.28 22.70 13.70
C PRO B 163 20.33 22.59 12.60
N GLY B 164 20.51 23.70 11.90
CA GLY B 164 21.58 23.83 10.92
C GLY B 164 21.30 23.12 9.62
N GLU B 165 20.06 22.69 9.41
CA GLU B 165 19.70 21.90 8.22
C GLU B 165 18.38 22.32 7.65
N ASP B 166 18.23 22.18 6.32
CA ASP B 166 16.91 22.09 5.70
C ASP B 166 16.56 20.62 5.54
N ASN B 167 15.36 20.25 5.96
CA ASN B 167 14.88 18.88 5.75
C ASN B 167 13.60 18.95 4.95
N GLU B 168 13.64 18.36 3.76
CA GLU B 168 12.55 18.54 2.82
C GLU B 168 12.11 17.21 2.27
N SER B 169 10.88 16.83 2.62
CA SER B 169 10.26 15.61 2.14
C SER B 169 9.12 15.93 1.18
N PHE B 170 9.07 15.16 0.10
CA PHE B 170 8.14 15.44 -0.99
C PHE B 170 7.79 14.17 -1.76
N TYR B 171 6.66 14.21 -2.48
CA TYR B 171 6.18 13.06 -3.23
C TYR B 171 6.60 13.10 -4.68
N VAL B 172 6.85 11.91 -5.21
CA VAL B 172 7.13 11.77 -6.63
C VAL B 172 6.29 10.62 -7.18
N PRO B 173 5.89 10.72 -8.46
CA PRO B 173 5.15 9.60 -9.06
C PRO B 173 6.02 8.37 -9.23
N LEU B 174 5.37 7.21 -9.42
CA LEU B 174 6.06 5.92 -9.53
C LEU B 174 6.62 5.60 -10.90
N GLY B 175 5.85 5.90 -11.94
CA GLY B 175 6.31 5.59 -13.31
C GLY B 175 5.16 5.20 -14.22
N ALA B 176 5.41 4.22 -15.09
CA ALA B 176 4.35 3.73 -16.01
C ALA B 176 3.67 2.51 -15.44
N GLY B 177 2.34 2.51 -15.48
CA GLY B 177 1.58 1.38 -14.98
C GLY B 177 0.47 0.99 -15.93
N VAL B 178 -0.23 -0.06 -15.53
CA VAL B 178 -1.36 -0.58 -16.32
C VAL B 178 -2.67 -0.49 -15.54
N VAL B 179 -3.69 -0.04 -16.25
CA VAL B 179 -5.05 0.07 -15.75
C VAL B 179 -5.85 -1.00 -16.48
N ILE B 180 -6.50 -1.84 -15.70
CA ILE B 180 -7.33 -2.91 -16.23
C ILE B 180 -8.74 -2.70 -15.70
N ALA B 181 -9.63 -2.33 -16.61
CA ALA B 181 -10.94 -1.76 -16.26
C ALA B 181 -12.13 -2.72 -16.52
N PRO B 182 -13.24 -2.54 -15.79
CA PRO B 182 -14.41 -3.41 -15.94
C PRO B 182 -15.40 -2.88 -16.98
N TRP B 183 -16.34 -3.72 -17.38
CA TRP B 183 -17.36 -3.31 -18.36
C TRP B 183 -18.56 -2.64 -17.73
N ASN B 184 -18.71 -2.75 -16.41
CA ASN B 184 -19.97 -2.27 -15.79
C ASN B 184 -20.06 -0.77 -15.51
N PHE B 185 -18.91 -0.14 -15.29
CA PHE B 185 -18.78 1.33 -15.27
C PHE B 185 -17.64 1.75 -16.20
N PRO B 186 -17.84 1.58 -17.52
CA PRO B 186 -16.75 1.70 -18.49
C PRO B 186 -16.45 3.13 -18.93
N VAL B 187 -17.21 4.09 -18.41
CA VAL B 187 -16.78 5.49 -18.44
C VAL B 187 -16.24 5.90 -17.06
N ALA B 188 -17.05 5.74 -16.02
CA ALA B 188 -16.65 6.21 -14.66
C ALA B 188 -15.36 5.58 -14.13
N ILE B 189 -15.37 4.27 -13.96
CA ILE B 189 -14.23 3.58 -13.33
C ILE B 189 -13.03 3.55 -14.28
N PHE B 190 -13.29 3.33 -15.57
CA PHE B 190 -12.22 3.45 -16.58
C PHE B 190 -11.50 4.82 -16.45
N THR B 191 -12.28 5.88 -16.37
CA THR B 191 -11.72 7.24 -16.27
C THR B 191 -10.97 7.46 -14.96
N GLY B 192 -11.62 7.08 -13.85
CA GLY B 192 -11.05 7.31 -12.51
C GLY B 192 -9.72 6.60 -12.33
N MET B 193 -9.67 5.34 -12.75
CA MET B 193 -8.47 4.53 -12.59
C MET B 193 -7.29 5.05 -13.44
N ILE B 194 -7.61 5.74 -14.53
CA ILE B 194 -6.58 6.32 -15.37
C ILE B 194 -6.14 7.69 -14.82
N VAL B 195 -7.10 8.57 -14.58
CA VAL B 195 -6.73 9.97 -14.32
C VAL B 195 -6.18 10.23 -12.93
N GLY B 196 -6.51 9.36 -11.98
CA GLY B 196 -5.92 9.44 -10.62
C GLY B 196 -4.39 9.32 -10.68
N PRO B 197 -3.87 8.18 -11.15
CA PRO B 197 -2.41 8.04 -11.30
C PRO B 197 -1.78 9.11 -12.19
N VAL B 198 -2.46 9.45 -13.29
CA VAL B 198 -1.89 10.40 -14.25
C VAL B 198 -1.78 11.82 -13.65
N ALA B 199 -2.75 12.19 -12.82
CA ALA B 199 -2.80 13.53 -12.23
C ALA B 199 -1.53 13.88 -11.51
N VAL B 200 -0.97 12.90 -10.80
CA VAL B 200 0.19 13.14 -9.94
C VAL B 200 1.52 12.82 -10.62
N GLY B 201 1.48 12.50 -11.92
CA GLY B 201 2.74 12.36 -12.66
C GLY B 201 3.07 10.98 -13.21
N ASN B 202 2.20 10.00 -12.99
CA ASN B 202 2.39 8.68 -13.57
C ASN B 202 1.90 8.69 -15.01
N THR B 203 2.27 7.65 -15.74
CA THR B 203 1.74 7.44 -17.10
C THR B 203 1.05 6.08 -17.11
N VAL B 204 0.10 5.90 -18.04
CA VAL B 204 -0.78 4.75 -17.96
C VAL B 204 -1.04 4.09 -19.31
N ILE B 205 -1.07 2.77 -19.27
CA ILE B 205 -1.58 1.96 -20.36
C ILE B 205 -2.92 1.40 -19.87
N ALA B 206 -4.00 1.74 -20.56
CA ALA B 206 -5.35 1.37 -20.15
C ALA B 206 -5.92 0.25 -21.03
N LYS B 207 -6.40 -0.80 -20.38
CA LYS B 207 -6.95 -1.95 -21.05
C LYS B 207 -8.45 -1.99 -20.72
N PRO B 208 -9.30 -1.53 -21.66
CA PRO B 208 -10.74 -1.55 -21.39
C PRO B 208 -11.27 -2.98 -21.42
N ALA B 209 -12.41 -3.21 -20.75
CA ALA B 209 -13.07 -4.50 -20.82
C ALA B 209 -13.57 -4.74 -22.24
N GLU B 210 -13.51 -6.00 -22.67
CA GLU B 210 -13.87 -6.39 -24.04
C GLU B 210 -15.26 -5.91 -24.45
N ASP B 211 -16.19 -5.93 -23.50
CA ASP B 211 -17.60 -5.58 -23.75
C ASP B 211 -17.86 -4.08 -23.92
N ALA B 212 -16.86 -3.26 -23.61
CA ALA B 212 -17.02 -1.81 -23.58
C ALA B 212 -15.87 -1.06 -24.24
N VAL B 213 -15.35 -1.63 -25.33
CA VAL B 213 -14.21 -1.05 -26.03
C VAL B 213 -14.55 0.26 -26.78
N VAL B 214 -15.76 0.38 -27.29
CA VAL B 214 -16.17 1.58 -28.03
C VAL B 214 -16.25 2.80 -27.12
N VAL B 215 -16.94 2.68 -25.99
CA VAL B 215 -17.05 3.82 -25.11
C VAL B 215 -15.69 4.21 -24.52
N GLY B 216 -14.84 3.22 -24.28
CA GLY B 216 -13.46 3.49 -23.85
C GLY B 216 -12.73 4.33 -24.89
N ALA B 217 -12.91 4.01 -26.18
CA ALA B 217 -12.27 4.76 -27.25
C ALA B 217 -12.74 6.21 -27.28
N LYS B 218 -14.02 6.41 -26.99
CA LYS B 218 -14.58 7.76 -26.99
C LYS B 218 -14.01 8.57 -25.84
N VAL B 219 -13.75 7.91 -24.71
CA VAL B 219 -13.06 8.59 -23.60
C VAL B 219 -11.65 9.01 -24.05
N PHE B 220 -10.95 8.15 -24.80
CA PHE B 220 -9.67 8.53 -25.36
C PHE B 220 -9.70 9.67 -26.39
N GLU B 221 -10.79 9.78 -27.14
CA GLU B 221 -10.97 10.95 -28.00
C GLU B 221 -10.91 12.23 -27.17
N ILE B 222 -11.53 12.19 -25.99
CA ILE B 222 -11.51 13.29 -25.04
C ILE B 222 -10.09 13.57 -24.53
N PHE B 223 -9.38 12.52 -24.10
CA PHE B 223 -7.97 12.69 -23.66
C PHE B 223 -7.12 13.29 -24.77
N HIS B 224 -7.31 12.79 -26.00
CA HIS B 224 -6.56 13.31 -27.12
C HIS B 224 -6.83 14.78 -27.35
N GLU B 225 -8.11 15.15 -27.36
CA GLU B 225 -8.47 16.54 -27.62
C GLU B 225 -7.98 17.45 -26.50
N ALA B 226 -7.95 16.92 -25.27
CA ALA B 226 -7.48 17.72 -24.12
C ALA B 226 -5.99 18.05 -24.23
N GLY B 227 -5.25 17.16 -24.87
CA GLY B 227 -3.84 17.39 -25.18
C GLY B 227 -2.85 16.77 -24.21
N PHE B 228 -3.20 15.64 -23.62
CA PHE B 228 -2.19 14.88 -22.88
C PHE B 228 -0.98 14.63 -23.78
N PRO B 229 0.24 14.92 -23.28
CA PRO B 229 1.44 14.67 -24.09
C PRO B 229 1.52 13.21 -24.59
N PRO B 230 2.17 12.97 -25.75
CA PRO B 230 2.25 11.62 -26.27
C PRO B 230 2.83 10.65 -25.23
N GLY B 231 2.14 9.54 -25.04
CA GLY B 231 2.63 8.46 -24.19
C GLY B 231 2.10 8.53 -22.76
N VAL B 232 1.50 9.65 -22.39
CA VAL B 232 0.96 9.79 -21.01
C VAL B 232 -0.22 8.86 -20.73
N VAL B 233 -1.16 8.78 -21.66
CA VAL B 233 -2.27 7.84 -21.58
C VAL B 233 -2.32 7.05 -22.89
N ASN B 234 -2.48 5.73 -22.77
CA ASN B 234 -2.49 4.83 -23.92
C ASN B 234 -3.67 3.89 -23.82
N PHE B 235 -4.25 3.55 -24.98
CA PHE B 235 -5.49 2.78 -25.06
C PHE B 235 -5.23 1.46 -25.80
N LEU B 236 -5.36 0.35 -25.08
CA LEU B 236 -5.08 -0.98 -25.64
C LEU B 236 -6.22 -1.96 -25.45
N PRO B 237 -7.30 -1.78 -26.22
CA PRO B 237 -8.36 -2.79 -26.22
C PRO B 237 -7.78 -4.14 -26.64
N GLY B 238 -8.23 -5.21 -26.00
CA GLY B 238 -7.66 -6.53 -26.22
C GLY B 238 -8.12 -7.50 -25.15
N VAL B 239 -7.62 -8.73 -25.21
CA VAL B 239 -8.09 -9.79 -24.34
C VAL B 239 -7.36 -9.78 -22.99
N GLY B 240 -8.14 -9.87 -21.92
CA GLY B 240 -7.63 -9.79 -20.56
C GLY B 240 -6.49 -10.75 -20.25
N GLU B 241 -6.71 -12.03 -20.54
CA GLU B 241 -5.70 -13.05 -20.33
C GLU B 241 -4.49 -12.94 -21.26
N GLU B 242 -4.61 -12.11 -22.30
CA GLU B 242 -3.50 -11.92 -23.24
C GLU B 242 -2.68 -10.67 -22.93
N VAL B 243 -3.13 -9.52 -23.42
CA VAL B 243 -2.42 -8.25 -23.24
C VAL B 243 -2.36 -7.84 -21.76
N GLY B 244 -3.44 -8.11 -21.02
CA GLY B 244 -3.53 -7.75 -19.61
C GLY B 244 -2.52 -8.51 -18.78
N ALA B 245 -2.55 -9.85 -18.90
CA ALA B 245 -1.57 -10.71 -18.23
C ALA B 245 -0.13 -10.34 -18.58
N TYR B 246 0.13 -10.10 -19.86
CA TYR B 246 1.44 -9.71 -20.33
C TYR B 246 1.96 -8.46 -19.59
N LEU B 247 1.09 -7.47 -19.41
CA LEU B 247 1.51 -6.24 -18.74
C LEU B 247 1.64 -6.44 -17.24
N VAL B 248 0.67 -7.13 -16.64
CA VAL B 248 0.74 -7.45 -15.21
C VAL B 248 2.07 -8.11 -14.82
N GLU B 249 2.52 -9.06 -15.64
CA GLU B 249 3.71 -9.87 -15.35
C GLU B 249 5.04 -9.23 -15.79
N HIS B 250 4.97 -8.08 -16.45
CA HIS B 250 6.11 -7.46 -17.11
C HIS B 250 7.09 -6.86 -16.09
N PRO B 251 8.41 -7.08 -16.29
CA PRO B 251 9.34 -6.50 -15.31
C PRO B 251 9.36 -4.97 -15.29
N ARG B 252 8.90 -4.33 -16.37
CA ARG B 252 8.94 -2.86 -16.48
C ARG B 252 7.58 -2.19 -16.24
N ILE B 253 6.61 -2.93 -15.74
CA ILE B 253 5.36 -2.34 -15.28
C ILE B 253 5.51 -1.99 -13.80
N ARG B 254 5.26 -0.73 -13.45
CA ARG B 254 5.55 -0.26 -12.07
C ARG B 254 4.40 -0.51 -11.09
N PHE B 255 3.17 -0.37 -11.58
CA PHE B 255 1.97 -0.59 -10.79
C PHE B 255 0.86 -1.10 -11.68
N ILE B 256 -0.12 -1.69 -11.03
CA ILE B 256 -1.31 -2.24 -11.67
C ILE B 256 -2.52 -1.71 -10.94
N ASN B 257 -3.45 -1.13 -11.67
CA ASN B 257 -4.70 -0.64 -11.09
C ASN B 257 -5.81 -1.46 -11.73
N PHE B 258 -6.49 -2.27 -10.91
CA PHE B 258 -7.46 -3.26 -11.42
C PHE B 258 -8.80 -3.16 -10.72
N THR B 259 -9.87 -3.24 -11.50
CA THR B 259 -11.22 -3.40 -10.94
C THR B 259 -11.91 -4.46 -11.76
N GLY B 260 -12.42 -5.47 -11.08
CA GLY B 260 -13.04 -6.60 -11.77
C GLY B 260 -13.37 -7.75 -10.84
N SER B 261 -13.39 -8.96 -11.40
CA SER B 261 -13.78 -10.15 -10.63
C SER B 261 -12.70 -10.55 -9.63
N LEU B 262 -13.13 -11.19 -8.56
CA LEU B 262 -12.18 -11.72 -7.57
C LEU B 262 -11.20 -12.72 -8.18
N GLU B 263 -11.72 -13.64 -9.00
CA GLU B 263 -10.91 -14.61 -9.72
C GLU B 263 -9.69 -13.97 -10.38
N VAL B 264 -9.93 -12.90 -11.13
CA VAL B 264 -8.84 -12.22 -11.85
C VAL B 264 -7.98 -11.41 -10.87
N GLY B 265 -8.63 -10.76 -9.91
CA GLY B 265 -7.92 -9.97 -8.89
C GLY B 265 -6.92 -10.79 -8.09
N LEU B 266 -7.29 -12.02 -7.76
CA LEU B 266 -6.39 -12.92 -7.03
C LEU B 266 -5.14 -13.23 -7.85
N LYS B 267 -5.33 -13.53 -9.14
CA LYS B 267 -4.21 -13.81 -10.05
C LYS B 267 -3.28 -12.61 -10.19
N ILE B 268 -3.88 -11.43 -10.33
CA ILE B 268 -3.13 -10.18 -10.47
C ILE B 268 -2.30 -9.91 -9.22
N TYR B 269 -2.91 -9.98 -8.05
CA TYR B 269 -2.17 -9.72 -6.82
C TYR B 269 -1.04 -10.71 -6.63
N GLU B 270 -1.29 -11.99 -6.93
CA GLU B 270 -0.25 -12.99 -6.81
C GLU B 270 0.91 -12.69 -7.78
N ALA B 271 0.57 -12.37 -9.03
CA ALA B 271 1.60 -12.07 -10.01
C ALA B 271 2.39 -10.81 -9.62
N ALA B 272 1.69 -9.81 -9.06
CA ALA B 272 2.31 -8.55 -8.67
C ALA B 272 3.36 -8.75 -7.56
N GLY B 273 3.18 -9.81 -6.77
CA GLY B 273 4.09 -10.12 -5.67
C GLY B 273 5.41 -10.74 -6.11
N ARG B 274 5.50 -11.14 -7.38
CA ARG B 274 6.69 -11.83 -7.90
C ARG B 274 7.67 -10.86 -8.54
N LEU B 275 8.95 -11.16 -8.42
CA LEU B 275 9.96 -10.38 -9.09
C LEU B 275 10.22 -11.01 -10.46
N ALA B 276 9.69 -10.38 -11.51
CA ALA B 276 9.95 -10.85 -12.89
C ALA B 276 11.44 -10.71 -13.25
N PRO B 277 11.95 -11.57 -14.18
CA PRO B 277 13.38 -11.46 -14.46
C PRO B 277 13.79 -10.04 -14.86
N GLY B 278 14.78 -9.49 -14.15
CA GLY B 278 15.32 -8.17 -14.42
C GLY B 278 14.55 -7.01 -13.79
N GLN B 279 13.44 -7.31 -13.11
CA GLN B 279 12.64 -6.29 -12.41
C GLN B 279 13.45 -5.62 -11.28
N THR B 280 13.29 -4.32 -11.12
CA THR B 280 14.09 -3.59 -10.11
C THR B 280 13.24 -2.83 -9.11
N TRP B 281 12.04 -3.33 -8.84
CA TRP B 281 11.15 -2.74 -7.81
C TRP B 281 10.13 -3.75 -7.32
N PHE B 282 9.49 -3.39 -6.20
CA PHE B 282 8.36 -4.15 -5.69
C PHE B 282 7.12 -3.54 -6.31
N LYS B 283 6.41 -4.32 -7.12
CA LYS B 283 5.22 -3.77 -7.79
C LYS B 283 4.12 -3.45 -6.81
N ARG B 284 3.40 -2.37 -7.08
CA ARG B 284 2.17 -2.08 -6.33
C ARG B 284 0.99 -2.54 -7.15
N ALA B 285 0.08 -3.24 -6.50
CA ALA B 285 -1.16 -3.65 -7.17
C ALA B 285 -2.37 -3.31 -6.33
N TYR B 286 -3.30 -2.57 -6.93
CA TYR B 286 -4.56 -2.19 -6.33
C TYR B 286 -5.63 -2.98 -7.03
N VAL B 287 -6.35 -3.77 -6.26
CA VAL B 287 -7.37 -4.65 -6.83
C VAL B 287 -8.68 -4.46 -6.09
N GLU B 288 -9.72 -4.08 -6.83
CA GLU B 288 -11.01 -3.87 -6.23
C GLU B 288 -11.91 -4.89 -6.90
N THR B 289 -12.42 -5.80 -6.07
N THR B 289 -12.43 -5.83 -6.08
CA THR B 289 -13.07 -6.97 -6.58
CA THR B 289 -12.79 -7.18 -6.57
C THR B 289 -14.55 -6.93 -6.21
C THR B 289 -14.20 -7.72 -6.27
N GLY B 290 -15.18 -8.09 -6.17
N GLY B 290 -15.16 -6.81 -6.11
CA GLY B 290 -16.61 -8.13 -6.05
CA GLY B 290 -16.58 -7.20 -6.01
C GLY B 290 -17.11 -7.91 -4.65
C GLY B 290 -17.10 -7.37 -4.60
N GLY B 291 -18.42 -8.03 -4.49
N GLY B 291 -18.28 -7.96 -4.48
CA GLY B 291 -19.05 -8.00 -3.18
CA GLY B 291 -18.88 -8.19 -3.16
C GLY B 291 -20.23 -8.95 -3.19
C GLY B 291 -20.05 -9.15 -3.18
N LYS B 292 -20.62 -9.38 -2.00
CA LYS B 292 -21.90 -10.09 -1.84
C LYS B 292 -22.65 -9.25 -0.82
N ASP B 293 -23.23 -8.16 -1.29
CA ASP B 293 -23.70 -7.06 -0.42
C ASP B 293 -25.11 -7.31 0.09
N ALA B 294 -25.30 -7.09 1.39
CA ALA B 294 -26.59 -7.29 2.04
C ALA B 294 -27.20 -5.98 2.52
N ILE B 295 -28.53 -5.93 2.49
CA ILE B 295 -29.27 -4.90 3.20
C ILE B 295 -30.01 -5.64 4.32
N ILE B 296 -29.80 -5.17 5.55
CA ILE B 296 -30.56 -5.65 6.71
C ILE B 296 -31.75 -4.75 6.94
N VAL B 297 -32.92 -5.34 7.21
CA VAL B 297 -34.08 -4.55 7.64
C VAL B 297 -34.62 -5.15 8.93
N ASP B 298 -34.82 -4.30 9.94
CA ASP B 298 -35.43 -4.75 11.20
C ASP B 298 -36.87 -4.25 11.36
N GLU B 299 -37.54 -4.70 12.43
CA GLU B 299 -38.97 -4.43 12.60
C GLU B 299 -39.33 -2.96 12.88
N THR B 300 -38.31 -2.11 13.11
CA THR B 300 -38.53 -0.70 13.41
C THR B 300 -38.46 0.17 12.16
N ALA B 301 -38.08 -0.42 11.03
CA ALA B 301 -37.89 0.31 9.78
C ALA B 301 -39.17 0.86 9.16
N ASP B 302 -38.99 1.89 8.33
CA ASP B 302 -40.02 2.30 7.38
C ASP B 302 -39.99 1.30 6.23
N PHE B 303 -40.95 0.38 6.26
CA PHE B 303 -40.96 -0.77 5.34
C PHE B 303 -41.09 -0.38 3.88
N ASP B 304 -41.85 0.67 3.59
CA ASP B 304 -42.00 1.16 2.23
C ASP B 304 -40.71 1.79 1.72
N LEU B 305 -40.08 2.60 2.56
CA LEU B 305 -38.78 3.18 2.24
C LEU B 305 -37.79 2.05 1.99
N ALA B 306 -37.80 1.06 2.87
CA ALA B 306 -36.87 -0.08 2.76
C ALA B 306 -37.07 -0.83 1.45
N ALA B 307 -38.32 -1.17 1.13
CA ALA B 307 -38.60 -1.89 -0.12
C ALA B 307 -38.14 -1.15 -1.38
N GLU B 308 -38.35 0.16 -1.40
CA GLU B 308 -37.90 0.98 -2.53
C GLU B 308 -36.37 0.94 -2.65
N GLY B 309 -35.66 1.12 -1.54
CA GLY B 309 -34.20 1.11 -1.57
C GLY B 309 -33.63 -0.25 -1.93
N VAL B 310 -34.31 -1.30 -1.50
CA VAL B 310 -33.87 -2.67 -1.82
C VAL B 310 -34.02 -2.93 -3.30
N VAL B 311 -35.14 -2.52 -3.87
CA VAL B 311 -35.39 -2.75 -5.30
C VAL B 311 -34.39 -1.97 -6.19
N VAL B 312 -34.16 -0.71 -5.84
CA VAL B 312 -33.15 0.10 -6.53
C VAL B 312 -31.76 -0.56 -6.40
N SER B 313 -31.41 -0.97 -5.18
CA SER B 313 -30.09 -1.55 -4.92
C SER B 313 -29.85 -2.91 -5.61
N ALA B 314 -30.89 -3.75 -5.66
CA ALA B 314 -30.78 -5.10 -6.22
C ALA B 314 -30.80 -5.10 -7.74
N TYR B 315 -31.63 -4.22 -8.32
CA TYR B 315 -31.95 -4.34 -9.73
C TYR B 315 -31.49 -3.18 -10.59
N GLY B 316 -30.93 -2.12 -9.99
CA GLY B 316 -30.32 -1.08 -10.80
C GLY B 316 -29.20 -1.65 -11.66
N PHE B 317 -29.17 -1.25 -12.93
CA PHE B 317 -28.27 -1.84 -13.96
C PHE B 317 -28.25 -3.38 -13.88
N GLN B 318 -29.45 -3.94 -13.71
CA GLN B 318 -29.68 -5.36 -13.77
C GLN B 318 -28.85 -6.10 -12.71
N GLY B 319 -28.54 -5.44 -11.60
CA GLY B 319 -27.73 -6.07 -10.54
C GLY B 319 -26.25 -6.25 -10.85
N GLN B 320 -25.79 -5.63 -11.94
CA GLN B 320 -24.42 -5.80 -12.44
C GLN B 320 -23.52 -4.73 -11.82
N LYS B 321 -23.53 -4.69 -10.49
CA LYS B 321 -22.73 -3.73 -9.74
C LYS B 321 -22.05 -4.46 -8.60
N CYS B 322 -20.80 -4.12 -8.34
CA CYS B 322 -20.11 -4.69 -7.17
C CYS B 322 -20.77 -4.26 -5.86
N SER B 323 -21.56 -3.19 -5.93
CA SER B 323 -22.26 -2.59 -4.78
C SER B 323 -23.70 -3.08 -4.66
N ALA B 324 -24.15 -3.86 -5.65
CA ALA B 324 -25.56 -4.30 -5.71
C ALA B 324 -26.02 -5.10 -4.49
N ALA B 325 -27.22 -4.82 -4.00
CA ALA B 325 -27.79 -5.65 -2.94
C ALA B 325 -28.17 -6.99 -3.56
N SER B 326 -27.42 -8.03 -3.20
CA SER B 326 -27.73 -9.40 -3.64
C SER B 326 -28.26 -10.24 -2.48
N ARG B 327 -28.20 -9.70 -1.27
CA ARG B 327 -28.76 -10.36 -0.09
C ARG B 327 -29.71 -9.41 0.63
N LEU B 328 -30.87 -9.93 1.03
CA LEU B 328 -31.80 -9.17 1.84
C LEU B 328 -31.99 -9.93 3.15
N ILE B 329 -31.50 -9.35 4.24
CA ILE B 329 -31.52 -10.02 5.54
C ILE B 329 -32.61 -9.40 6.40
N LEU B 330 -33.64 -10.18 6.72
CA LEU B 330 -34.81 -9.66 7.39
C LEU B 330 -35.01 -10.31 8.76
N THR B 331 -35.16 -9.49 9.80
CA THR B 331 -35.49 -10.03 11.13
C THR B 331 -36.91 -10.59 11.12
N GLN B 332 -37.24 -11.45 12.09
CA GLN B 332 -38.58 -12.06 12.19
C GLN B 332 -39.72 -11.07 11.94
N GLY B 333 -39.69 -9.94 12.65
CA GLY B 333 -40.75 -8.95 12.59
C GLY B 333 -40.84 -8.16 11.30
N ALA B 334 -39.75 -8.15 10.55
CA ALA B 334 -39.68 -7.41 9.30
C ALA B 334 -39.98 -8.28 8.10
N TYR B 335 -39.85 -9.60 8.27
CA TYR B 335 -39.82 -10.52 7.13
C TYR B 335 -41.02 -10.37 6.20
N GLU B 336 -42.22 -10.68 6.71
CA GLU B 336 -43.44 -10.62 5.89
C GLU B 336 -43.74 -9.24 5.30
N PRO B 337 -43.79 -8.17 6.15
CA PRO B 337 -44.07 -6.85 5.61
C PRO B 337 -43.09 -6.37 4.54
N VAL B 338 -41.79 -6.62 4.71
CA VAL B 338 -40.80 -6.13 3.74
C VAL B 338 -40.80 -6.99 2.47
N LEU B 339 -40.84 -8.31 2.64
CA LEU B 339 -40.83 -9.21 1.50
C LEU B 339 -42.04 -8.97 0.60
N GLU B 340 -43.23 -8.75 1.19
CA GLU B 340 -44.44 -8.49 0.39
C GLU B 340 -44.27 -7.23 -0.45
N ARG B 341 -43.77 -6.18 0.20
CA ARG B 341 -43.54 -4.89 -0.47
C ARG B 341 -42.46 -4.95 -1.55
N VAL B 342 -41.37 -5.67 -1.26
CA VAL B 342 -40.31 -5.91 -2.25
C VAL B 342 -40.87 -6.65 -3.47
N LEU B 343 -41.64 -7.71 -3.24
CA LEU B 343 -42.21 -8.47 -4.36
C LEU B 343 -43.20 -7.64 -5.19
N LYS B 344 -44.06 -6.88 -4.52
CA LYS B 344 -44.99 -5.99 -5.21
C LYS B 344 -44.31 -4.94 -6.07
N ARG B 345 -43.22 -4.36 -5.55
CA ARG B 345 -42.44 -3.40 -6.31
C ARG B 345 -41.66 -4.05 -7.45
N ALA B 346 -41.01 -5.18 -7.17
CA ALA B 346 -40.19 -5.86 -8.15
C ALA B 346 -41.01 -6.41 -9.32
N GLU B 347 -42.24 -6.84 -9.04
CA GLU B 347 -43.05 -7.45 -10.10
C GLU B 347 -43.57 -6.42 -11.11
N ARG B 348 -43.46 -5.14 -10.76
CA ARG B 348 -43.84 -4.01 -11.61
C ARG B 348 -42.70 -3.48 -12.49
N LEU B 349 -41.49 -4.03 -12.33
CA LEU B 349 -40.33 -3.51 -13.05
C LEU B 349 -40.36 -3.91 -14.53
N SER B 350 -40.13 -2.95 -15.40
CA SER B 350 -40.07 -3.24 -16.84
C SER B 350 -38.69 -3.73 -17.25
N VAL B 351 -38.66 -4.62 -18.23
CA VAL B 351 -37.41 -5.14 -18.77
C VAL B 351 -37.50 -5.08 -20.28
N GLY B 352 -36.52 -4.46 -20.91
CA GLY B 352 -36.50 -4.40 -22.36
C GLY B 352 -35.30 -3.67 -22.90
N PRO B 353 -35.31 -3.35 -24.20
CA PRO B 353 -34.20 -2.66 -24.84
C PRO B 353 -33.83 -1.39 -24.06
N ALA B 354 -32.54 -1.22 -23.76
CA ALA B 354 -32.08 -0.13 -22.88
C ALA B 354 -32.44 1.28 -23.35
N GLU B 355 -32.48 1.47 -24.67
CA GLU B 355 -32.74 2.78 -25.23
C GLU B 355 -34.14 3.30 -24.93
N GLU B 356 -35.04 2.39 -24.55
CA GLU B 356 -36.41 2.76 -24.18
C GLU B 356 -36.54 3.14 -22.70
N ASN B 357 -35.39 3.23 -22.01
CA ASN B 357 -35.36 3.59 -20.58
C ASN B 357 -36.25 2.71 -19.71
N PRO B 358 -36.10 1.38 -19.82
CA PRO B 358 -36.85 0.46 -18.99
C PRO B 358 -36.23 0.49 -17.59
N ASP B 359 -36.91 -0.11 -16.61
CA ASP B 359 -36.29 -0.28 -15.30
C ASP B 359 -35.03 -1.13 -15.41
N LEU B 360 -35.11 -2.22 -16.19
CA LEU B 360 -33.94 -3.05 -16.48
C LEU B 360 -33.73 -3.22 -17.96
N GLY B 361 -32.50 -3.00 -18.41
CA GLY B 361 -32.07 -3.43 -19.75
C GLY B 361 -31.66 -4.89 -19.71
N PRO B 362 -30.86 -5.32 -20.70
CA PRO B 362 -30.35 -6.69 -20.75
C PRO B 362 -29.10 -6.79 -19.88
N VAL B 363 -28.73 -8.00 -19.49
CA VAL B 363 -27.36 -8.24 -19.01
C VAL B 363 -26.38 -8.09 -20.20
N VAL B 364 -25.09 -7.98 -19.90
CA VAL B 364 -24.20 -7.37 -20.88
C VAL B 364 -23.80 -8.23 -22.10
N SER B 365 -23.89 -9.54 -21.94
CA SER B 365 -23.36 -10.47 -22.94
C SER B 365 -23.98 -11.83 -22.81
N ALA B 366 -23.76 -12.66 -23.81
CA ALA B 366 -24.20 -14.03 -23.78
C ALA B 366 -23.56 -14.81 -22.62
N GLU B 367 -22.30 -14.48 -22.33
CA GLU B 367 -21.59 -15.11 -21.23
C GLU B 367 -22.19 -14.74 -19.88
N GLN B 368 -22.52 -13.46 -19.71
CA GLN B 368 -23.19 -13.03 -18.49
C GLN B 368 -24.57 -13.68 -18.35
N GLU B 369 -25.30 -13.76 -19.46
CA GLU B 369 -26.59 -14.42 -19.43
C GLU B 369 -26.44 -15.88 -18.98
N ARG B 370 -25.44 -16.55 -19.54
CA ARG B 370 -25.14 -17.94 -19.21
C ARG B 370 -24.81 -18.09 -17.71
N LYS B 371 -23.99 -17.18 -17.17
CA LYS B 371 -23.62 -17.21 -15.76
C LYS B 371 -24.84 -17.03 -14.85
N VAL B 372 -25.65 -16.01 -15.15
CA VAL B 372 -26.78 -15.67 -14.31
C VAL B 372 -27.83 -16.78 -14.34
N LEU B 373 -28.15 -17.27 -15.54
CA LEU B 373 -29.10 -18.38 -15.64
C LEU B 373 -28.59 -19.62 -14.90
N SER B 374 -27.29 -19.88 -14.96
CA SER B 374 -26.73 -21.00 -14.20
C SER B 374 -26.92 -20.86 -12.68
N TYR B 375 -26.73 -19.65 -12.17
CA TYR B 375 -26.93 -19.40 -10.75
C TYR B 375 -28.40 -19.52 -10.36
N ILE B 376 -29.27 -19.15 -11.30
CA ILE B 376 -30.71 -19.33 -11.12
C ILE B 376 -31.03 -20.83 -10.95
N GLU B 377 -30.41 -21.66 -11.77
CA GLU B 377 -30.57 -23.11 -11.65
C GLU B 377 -30.09 -23.63 -10.30
N ILE B 378 -28.90 -23.18 -9.88
CA ILE B 378 -28.35 -23.52 -8.56
C ILE B 378 -29.30 -23.05 -7.45
N GLY B 379 -29.82 -21.82 -7.58
CA GLY B 379 -30.74 -21.24 -6.60
C GLY B 379 -32.00 -22.05 -6.38
N LYS B 380 -32.52 -22.65 -7.45
CA LYS B 380 -33.76 -23.44 -7.37
C LYS B 380 -33.59 -24.66 -6.48
N ASN B 381 -32.35 -25.07 -6.27
CA ASN B 381 -32.06 -26.18 -5.37
C ASN B 381 -31.74 -25.74 -3.95
N GLU B 382 -31.40 -24.47 -3.78
CA GLU B 382 -30.94 -23.98 -2.48
C GLU B 382 -32.02 -23.20 -1.73
N GLY B 383 -32.77 -22.40 -2.46
CA GLY B 383 -33.84 -21.59 -1.90
C GLY B 383 -35.15 -21.81 -2.63
N GLN B 384 -36.13 -20.95 -2.36
CA GLN B 384 -37.42 -21.03 -3.01
C GLN B 384 -37.56 -19.87 -4.01
N LEU B 385 -37.71 -20.21 -5.29
CA LEU B 385 -37.98 -19.20 -6.31
C LEU B 385 -39.39 -18.63 -6.11
N VAL B 386 -39.49 -17.31 -5.97
CA VAL B 386 -40.81 -16.66 -5.80
C VAL B 386 -41.12 -15.55 -6.80
N LEU B 387 -40.12 -15.15 -7.58
CA LEU B 387 -40.32 -14.16 -8.62
C LEU B 387 -39.25 -14.29 -9.69
N GLY B 388 -39.68 -14.17 -10.95
CA GLY B 388 -38.77 -14.17 -12.10
C GLY B 388 -38.08 -15.50 -12.34
N GLY B 389 -36.76 -15.45 -12.52
CA GLY B 389 -35.93 -16.64 -12.67
C GLY B 389 -35.94 -17.18 -14.10
N LYS B 390 -36.28 -16.30 -15.04
CA LYS B 390 -36.46 -16.69 -16.44
C LYS B 390 -35.81 -15.68 -17.37
N ARG B 391 -35.33 -16.19 -18.50
CA ARG B 391 -34.96 -15.38 -19.65
C ARG B 391 -36.27 -14.84 -20.24
N LEU B 392 -36.20 -13.64 -20.83
CA LEU B 392 -37.37 -13.02 -21.45
C LEU B 392 -37.21 -12.93 -22.96
N GLU B 393 -38.33 -12.84 -23.66
CA GLU B 393 -38.34 -12.95 -25.11
C GLU B 393 -37.53 -11.89 -25.85
N GLY B 394 -36.78 -12.32 -26.85
CA GLY B 394 -36.02 -11.43 -27.72
C GLY B 394 -34.56 -11.85 -27.79
N GLU B 395 -33.85 -11.41 -28.82
CA GLU B 395 -32.42 -11.77 -28.93
C GLU B 395 -31.60 -11.09 -27.83
N GLY B 396 -32.04 -9.90 -27.42
CA GLY B 396 -31.43 -9.20 -26.29
C GLY B 396 -31.37 -10.05 -25.02
N TYR B 397 -30.33 -9.83 -24.20
CA TYR B 397 -30.12 -10.69 -23.04
C TYR B 397 -30.95 -10.28 -21.82
N PHE B 398 -32.28 -10.31 -21.99
CA PHE B 398 -33.23 -9.90 -20.95
C PHE B 398 -33.49 -11.02 -19.93
N ILE B 399 -33.21 -10.70 -18.67
CA ILE B 399 -33.49 -11.61 -17.57
C ILE B 399 -34.41 -10.91 -16.59
N ALA B 400 -35.45 -11.62 -16.16
CA ALA B 400 -36.44 -11.07 -15.25
C ALA B 400 -35.86 -10.82 -13.85
N PRO B 401 -36.28 -9.71 -13.19
CA PRO B 401 -35.91 -9.57 -11.77
C PRO B 401 -36.30 -10.81 -10.98
N THR B 402 -35.36 -11.31 -10.19
CA THR B 402 -35.50 -12.64 -9.61
C THR B 402 -35.32 -12.53 -8.10
N VAL B 403 -36.18 -13.23 -7.35
CA VAL B 403 -36.12 -13.27 -5.90
C VAL B 403 -36.18 -14.72 -5.44
N PHE B 404 -35.19 -15.12 -4.63
CA PHE B 404 -35.20 -16.39 -3.89
C PHE B 404 -35.42 -16.14 -2.41
N THR B 405 -36.29 -16.95 -1.79
CA THR B 405 -36.55 -16.86 -0.36
C THR B 405 -36.08 -18.12 0.35
N GLU B 406 -36.08 -18.06 1.69
CA GLU B 406 -35.63 -19.16 2.55
C GLU B 406 -34.25 -19.68 2.11
N VAL B 407 -33.37 -18.73 1.80
CA VAL B 407 -32.03 -19.05 1.38
C VAL B 407 -31.14 -19.25 2.62
N PRO B 408 -30.48 -20.41 2.73
CA PRO B 408 -29.56 -20.65 3.84
C PRO B 408 -28.37 -19.71 3.68
N PRO B 409 -27.92 -19.08 4.78
CA PRO B 409 -26.80 -18.13 4.72
C PRO B 409 -25.53 -18.68 4.05
N LYS B 410 -25.33 -20.00 4.07
CA LYS B 410 -24.14 -20.61 3.44
C LYS B 410 -24.38 -21.17 2.04
N ALA B 411 -25.58 -21.00 1.49
CA ALA B 411 -25.88 -21.39 0.11
C ALA B 411 -24.96 -20.67 -0.87
N ARG B 412 -24.64 -21.32 -1.97
CA ARG B 412 -23.83 -20.70 -3.01
C ARG B 412 -24.43 -19.35 -3.44
N ILE B 413 -25.76 -19.31 -3.60
CA ILE B 413 -26.43 -18.06 -4.00
C ILE B 413 -26.44 -16.99 -2.89
N ALA B 414 -26.12 -17.39 -1.66
CA ALA B 414 -25.94 -16.44 -0.55
C ALA B 414 -24.47 -16.08 -0.30
N GLN B 415 -23.56 -16.64 -1.09
CA GLN B 415 -22.12 -16.46 -0.86
C GLN B 415 -21.35 -15.95 -2.09
N GLU B 416 -21.78 -16.41 -3.28
CA GLU B 416 -21.07 -16.14 -4.52
C GLU B 416 -21.68 -14.98 -5.31
N GLU B 417 -20.81 -14.16 -5.90
CA GLU B 417 -21.25 -12.98 -6.64
C GLU B 417 -21.85 -13.38 -7.99
N ILE B 418 -23.16 -13.27 -8.09
CA ILE B 418 -23.89 -13.59 -9.32
C ILE B 418 -23.82 -12.47 -10.37
N PHE B 419 -23.80 -11.22 -9.92
CA PHE B 419 -23.69 -10.08 -10.83
C PHE B 419 -24.81 -10.01 -11.87
N GLY B 420 -26.03 -10.28 -11.41
CA GLY B 420 -27.23 -10.20 -12.24
C GLY B 420 -28.42 -9.86 -11.33
N PRO B 421 -29.63 -9.77 -11.92
CA PRO B 421 -30.81 -9.32 -11.17
C PRO B 421 -31.38 -10.43 -10.26
N VAL B 422 -30.59 -10.84 -9.27
CA VAL B 422 -30.93 -11.99 -8.43
C VAL B 422 -30.74 -11.68 -6.94
N LEU B 423 -31.85 -11.60 -6.22
CA LEU B 423 -31.84 -11.24 -4.79
C LEU B 423 -32.12 -12.47 -3.94
N SER B 424 -31.28 -12.71 -2.95
CA SER B 424 -31.46 -13.83 -2.03
C SER B 424 -31.95 -13.27 -0.71
N VAL B 425 -33.08 -13.78 -0.25
CA VAL B 425 -33.74 -13.29 0.98
C VAL B 425 -33.52 -14.29 2.12
N ILE B 426 -32.99 -13.78 3.24
CA ILE B 426 -32.53 -14.61 4.36
C ILE B 426 -33.25 -14.16 5.62
N ARG B 427 -33.88 -15.10 6.32
CA ARG B 427 -34.64 -14.80 7.52
C ARG B 427 -33.77 -15.03 8.75
N VAL B 428 -33.73 -14.05 9.64
CA VAL B 428 -32.95 -14.16 10.87
C VAL B 428 -33.79 -13.78 12.08
N LYS B 429 -33.31 -14.15 13.25
CA LYS B 429 -34.07 -13.99 14.49
C LYS B 429 -34.15 -12.54 14.88
N ASP B 430 -32.98 -11.89 14.93
CA ASP B 430 -32.91 -10.54 15.46
C ASP B 430 -31.78 -9.77 14.80
N PHE B 431 -31.58 -8.52 15.24
CA PHE B 431 -30.53 -7.69 14.65
C PHE B 431 -29.11 -8.26 14.79
N ALA B 432 -28.81 -8.84 15.96
CA ALA B 432 -27.50 -9.45 16.23
C ALA B 432 -27.19 -10.55 15.22
N GLU B 433 -28.16 -11.43 15.00
CA GLU B 433 -28.03 -12.48 14.00
C GLU B 433 -27.93 -11.91 12.58
N ALA B 434 -28.63 -10.82 12.33
CA ALA B 434 -28.59 -10.17 11.04
C ALA B 434 -27.17 -9.70 10.74
N LEU B 435 -26.50 -9.14 11.77
CA LEU B 435 -25.11 -8.69 11.59
C LEU B 435 -24.18 -9.86 11.36
N GLU B 436 -24.39 -10.95 12.11
CA GLU B 436 -23.58 -12.16 11.94
C GLU B 436 -23.69 -12.69 10.52
N VAL B 437 -24.93 -12.78 10.03
CA VAL B 437 -25.17 -13.25 8.66
C VAL B 437 -24.59 -12.27 7.63
N ALA B 438 -24.77 -10.98 7.85
CA ALA B 438 -24.20 -9.96 6.95
C ALA B 438 -22.67 -10.13 6.81
N ASN B 439 -22.01 -10.40 7.94
CA ASN B 439 -20.54 -10.46 7.97
C ASN B 439 -19.97 -11.77 7.46
N ASP B 440 -20.78 -12.82 7.48
CA ASP B 440 -20.27 -14.15 7.17
C ASP B 440 -20.29 -14.43 5.67
N THR B 441 -19.46 -13.68 4.95
CA THR B 441 -19.10 -13.95 3.55
C THR B 441 -17.61 -13.61 3.40
N PRO B 442 -16.97 -14.03 2.30
CA PRO B 442 -15.57 -13.68 2.08
C PRO B 442 -15.37 -12.20 1.73
N TYR B 443 -16.48 -11.47 1.58
CA TYR B 443 -16.49 -10.14 0.97
C TYR B 443 -16.70 -9.03 2.02
N GLY B 444 -16.59 -7.78 1.58
CA GLY B 444 -16.81 -6.67 2.52
C GLY B 444 -16.88 -5.32 1.84
N LEU B 445 -17.73 -5.22 0.80
CA LEU B 445 -17.78 -4.01 0.00
C LEU B 445 -18.87 -3.02 0.42
N THR B 446 -20.13 -3.30 0.08
CA THR B 446 -21.22 -2.44 0.52
C THR B 446 -22.20 -3.18 1.40
N GLY B 447 -22.96 -2.39 2.14
CA GLY B 447 -23.97 -2.95 3.02
C GLY B 447 -24.93 -1.84 3.37
N GLY B 448 -26.12 -2.23 3.82
CA GLY B 448 -27.12 -1.29 4.28
C GLY B 448 -27.96 -1.80 5.43
N VAL B 449 -28.48 -0.84 6.20
CA VAL B 449 -29.45 -1.13 7.25
C VAL B 449 -30.61 -0.17 7.13
N TYR B 450 -31.82 -0.73 7.09
CA TYR B 450 -33.04 0.05 7.31
C TYR B 450 -33.56 -0.26 8.72
N SER B 451 -33.66 0.79 9.54
CA SER B 451 -34.01 0.72 10.95
C SER B 451 -34.18 2.13 11.45
N ARG B 452 -35.14 2.33 12.36
CA ARG B 452 -35.22 3.60 13.10
C ARG B 452 -34.52 3.51 14.46
N LYS B 453 -34.08 2.32 14.85
CA LYS B 453 -33.47 2.15 16.17
C LYS B 453 -32.01 2.65 16.16
N ARG B 454 -31.76 3.73 16.90
CA ARG B 454 -30.41 4.36 16.89
C ARG B 454 -29.32 3.39 17.29
N GLU B 455 -29.60 2.55 18.28
CA GLU B 455 -28.64 1.60 18.80
C GLU B 455 -28.28 0.54 17.77
N HIS B 456 -29.22 0.22 16.91
CA HIS B 456 -28.97 -0.73 15.81
C HIS B 456 -28.11 -0.08 14.75
N LEU B 457 -28.46 1.15 14.35
CA LEU B 457 -27.64 1.89 13.39
C LEU B 457 -26.20 2.06 13.88
N GLU B 458 -26.04 2.51 15.11
CA GLU B 458 -24.68 2.79 15.61
C GLU B 458 -23.88 1.48 15.84
N TRP B 459 -24.59 0.41 16.17
CA TRP B 459 -23.96 -0.91 16.26
C TRP B 459 -23.43 -1.37 14.89
N ALA B 460 -24.22 -1.14 13.85
CA ALA B 460 -23.79 -1.50 12.51
C ALA B 460 -22.62 -0.60 12.07
N ARG B 461 -22.66 0.68 12.46
CA ARG B 461 -21.55 1.59 12.15
C ARG B 461 -20.22 0.99 12.61
N ARG B 462 -20.26 0.33 13.77
CA ARG B 462 -19.07 -0.26 14.40
C ARG B 462 -18.78 -1.68 13.94
N GLU B 463 -19.82 -2.46 13.59
CA GLU B 463 -19.62 -3.90 13.43
C GLU B 463 -20.08 -4.58 12.13
N PHE B 464 -20.80 -3.85 11.28
CA PHE B 464 -21.19 -4.35 9.94
C PHE B 464 -19.97 -4.08 9.05
N HIS B 465 -19.17 -5.12 8.79
CA HIS B 465 -17.79 -4.93 8.34
C HIS B 465 -17.71 -4.82 6.81
N VAL B 466 -18.09 -3.66 6.32
CA VAL B 466 -18.07 -3.34 4.87
C VAL B 466 -17.47 -1.94 4.71
N GLY B 467 -16.85 -1.69 3.57
CA GLY B 467 -16.12 -0.45 3.37
C GLY B 467 -17.06 0.72 3.14
N ASN B 468 -18.25 0.40 2.63
CA ASN B 468 -19.26 1.43 2.33
C ASN B 468 -20.61 1.02 2.86
N LEU B 469 -21.01 1.66 3.95
CA LEU B 469 -22.22 1.30 4.67
C LEU B 469 -23.23 2.46 4.59
N TYR B 470 -24.50 2.12 4.36
CA TYR B 470 -25.52 3.15 4.16
C TYR B 470 -26.73 2.84 5.01
N PHE B 471 -27.25 3.87 5.67
CA PHE B 471 -28.42 3.71 6.53
C PHE B 471 -29.63 4.42 5.94
N ASN B 472 -30.73 3.66 5.82
CA ASN B 472 -32.04 4.18 5.39
C ASN B 472 -32.04 4.79 3.99
N ARG B 473 -31.21 4.18 3.13
CA ARG B 473 -31.10 4.55 1.73
C ARG B 473 -30.44 3.41 0.94
N LYS B 474 -30.48 3.55 -0.38
CA LYS B 474 -29.84 2.60 -1.30
C LYS B 474 -28.33 2.39 -1.01
N ILE B 475 -27.80 1.21 -1.36
CA ILE B 475 -26.40 0.91 -1.08
C ILE B 475 -25.50 1.02 -2.29
N THR B 476 -26.08 1.46 -3.39
CA THR B 476 -25.36 1.67 -4.62
C THR B 476 -25.20 3.19 -4.86
N GLY B 477 -24.37 3.52 -5.84
CA GLY B 477 -24.25 4.91 -6.30
C GLY B 477 -23.39 5.81 -5.44
N ALA B 478 -22.34 5.25 -4.83
CA ALA B 478 -21.36 6.05 -4.07
C ALA B 478 -20.93 7.25 -4.90
N LEU B 479 -21.00 8.42 -4.30
CA LEU B 479 -20.62 9.66 -4.99
C LEU B 479 -19.17 10.00 -4.68
N VAL B 480 -18.42 10.31 -5.73
CA VAL B 480 -17.06 10.80 -5.58
C VAL B 480 -16.98 11.95 -4.57
N GLY B 481 -15.99 11.87 -3.69
CA GLY B 481 -15.80 12.90 -2.66
C GLY B 481 -16.62 12.71 -1.41
N VAL B 482 -17.90 12.35 -1.59
CA VAL B 482 -18.86 12.19 -0.51
C VAL B 482 -18.63 10.85 0.19
N GLN B 483 -18.56 9.78 -0.60
CA GLN B 483 -18.44 8.42 -0.08
C GLN B 483 -17.24 7.68 -0.65
N PRO B 484 -16.05 7.85 -0.03
CA PRO B 484 -14.84 7.10 -0.45
C PRO B 484 -15.20 5.64 -0.70
N PHE B 485 -14.87 5.13 -1.88
CA PHE B 485 -15.42 3.86 -2.32
C PHE B 485 -14.39 2.75 -2.36
N GLY B 486 -14.67 1.67 -1.64
CA GLY B 486 -13.73 0.57 -1.58
C GLY B 486 -13.97 -0.28 -0.36
N GLY B 487 -13.62 -1.56 -0.49
CA GLY B 487 -14.00 -2.53 0.52
C GLY B 487 -12.91 -3.17 1.34
N PHE B 488 -13.37 -4.18 2.09
CA PHE B 488 -12.56 -4.99 2.98
C PHE B 488 -12.55 -6.41 2.50
N LYS B 489 -11.64 -7.21 3.08
CA LYS B 489 -11.62 -8.65 2.85
C LYS B 489 -11.47 -8.95 1.37
N LEU B 490 -12.21 -9.91 0.82
CA LEU B 490 -11.95 -10.26 -0.58
C LEU B 490 -12.63 -9.33 -1.59
N SER B 491 -13.14 -8.21 -1.10
CA SER B 491 -13.61 -7.13 -1.97
C SER B 491 -12.45 -6.24 -2.46
N GLY B 492 -11.24 -6.52 -1.97
CA GLY B 492 -10.03 -5.93 -2.54
C GLY B 492 -9.10 -5.29 -1.54
N THR B 493 -8.31 -4.35 -2.04
CA THR B 493 -7.23 -3.77 -1.24
C THR B 493 -7.59 -2.46 -0.53
N ASN B 494 -8.86 -2.05 -0.57
CA ASN B 494 -9.33 -0.84 0.13
C ASN B 494 -8.71 0.45 -0.45
N ALA B 495 -8.45 0.45 -1.76
CA ALA B 495 -8.02 1.67 -2.43
C ALA B 495 -9.27 2.52 -2.58
N LYS B 496 -9.37 3.58 -1.78
CA LYS B 496 -10.62 4.35 -1.71
C LYS B 496 -10.70 5.35 -2.84
N THR B 497 -11.49 5.03 -3.85
CA THR B 497 -11.65 5.95 -4.98
C THR B 497 -12.48 7.15 -4.56
N GLY B 498 -12.25 8.26 -5.25
CA GLY B 498 -12.98 9.50 -4.92
C GLY B 498 -12.67 10.03 -3.53
N ALA B 499 -11.43 9.82 -3.10
CA ALA B 499 -10.96 10.23 -1.76
C ALA B 499 -9.53 10.75 -1.88
N LEU B 500 -9.16 11.67 -0.99
CA LEU B 500 -7.81 12.21 -0.99
C LEU B 500 -6.75 11.11 -0.95
N ASP B 501 -7.03 10.06 -0.17
CA ASP B 501 -6.09 8.94 0.03
C ASP B 501 -5.77 8.18 -1.26
N TYR B 502 -6.65 8.24 -2.25
CA TYR B 502 -6.43 7.45 -3.46
C TYR B 502 -5.11 7.82 -4.12
N LEU B 503 -4.80 9.11 -4.20
CA LEU B 503 -3.62 9.55 -4.97
C LEU B 503 -2.30 9.13 -4.32
N ARG B 504 -2.31 9.00 -3.00
CA ARG B 504 -1.15 8.57 -2.24
C ARG B 504 -0.65 7.21 -2.69
N LEU B 505 -1.58 6.38 -3.18
CA LEU B 505 -1.24 5.05 -3.64
C LEU B 505 -0.31 5.08 -4.84
N PHE B 506 -0.32 6.21 -5.55
CA PHE B 506 0.46 6.31 -6.79
C PHE B 506 1.67 7.23 -6.67
N LEU B 507 2.10 7.42 -5.42
CA LEU B 507 3.27 8.23 -5.10
C LEU B 507 4.23 7.50 -4.19
N GLU B 508 5.49 7.91 -4.27
CA GLU B 508 6.49 7.49 -3.27
C GLU B 508 7.13 8.78 -2.72
N MET B 509 7.79 8.67 -1.57
CA MET B 509 8.31 9.85 -0.87
C MET B 509 9.82 9.87 -0.87
N LYS B 510 10.38 11.07 -1.07
CA LYS B 510 11.82 11.29 -0.96
C LYS B 510 12.05 12.28 0.18
N ALA B 511 13.09 12.03 0.97
CA ALA B 511 13.50 12.94 2.04
C ALA B 511 14.89 13.46 1.74
N VAL B 512 15.03 14.78 1.64
CA VAL B 512 16.33 15.37 1.29
C VAL B 512 16.78 16.39 2.33
N ALA B 513 17.96 16.18 2.89
CA ALA B 513 18.49 17.03 3.94
C ALA B 513 19.73 17.74 3.44
N GLU B 514 19.83 19.04 3.70
CA GLU B 514 21.07 19.76 3.45
C GLU B 514 21.59 20.36 4.75
N ARG B 515 22.83 19.99 5.11
CA ARG B 515 23.47 20.60 6.28
C ARG B 515 24.27 21.80 5.77
N PHE B 516 23.90 23.00 6.22
CA PHE B 516 24.55 24.22 5.73
C PHE B 516 25.93 24.52 6.28
#